data_2VVK
# 
_entry.id   2VVK 
# 
_audit_conform.dict_name       mmcif_pdbx.dic 
_audit_conform.dict_version    5.382 
_audit_conform.dict_location   http://mmcif.pdb.org/dictionaries/ascii/mmcif_pdbx.dic 
# 
loop_
_database_2.database_id 
_database_2.database_code 
_database_2.pdbx_database_accession 
_database_2.pdbx_DOI 
PDB   2VVK         pdb_00002vvk 10.2210/pdb2vvk/pdb 
PDBE  EBI-36511    ?            ?                   
WWPDB D_1290036511 ?            ?                   
# 
loop_
_pdbx_database_related.db_name 
_pdbx_database_related.db_id 
_pdbx_database_related.content_type 
_pdbx_database_related.details 
PDB 2H46 unspecified 'NATIVE DOMAIN-SWAPPED DIMER CRYSTAL STRUCTURE OF THE GRB2SH2 DOMAIN' 
PDB 1QG1 unspecified 'GROWTH FACTOR RECEPTOR BINDING PROTEIN SH2 DOMAIN COMPLEXEDWITH AN SHC-DERIVED PEPTIDE' 
PDB 1CJ1 unspecified 'GROWTH FACTOR RECEPTOR BINDING PROTEIN SH2 DOMAIN (HUMAN)COMPLEXED WITH A PHOSPHOTYROSYL DERIVATIVE' 
PDB 1BM2 unspecified 
'GRB2-SH2 DOMAIN IN COMPLEX WITH CYCLO-[N- ALPHA-ACETYL-L-THI ALYSYL-O-PHOSPHOTYROSYL- VALYL-ASPARAGYL-VALYL-PROLYL] (PKF273-791)' 
PDB 1GFD unspecified . 
PDB 1FYR unspecified 'DIMER FORMATION THROUGH DOMAIN SWAPPING IN THE CRYSTALSTRUCTURE OF THE GRB2-SH2 AC- PYVNV COMPLEX' 
PDB 1JYU unspecified 'XRAY STRUCTURE OF GRB2 SH2 DOMAIN' 
PDB 1BMB unspecified 'GRB2-SH2 DOMAIN IN COMPLEX WITH KPFYVNVEF ( PKF270-974)' 
PDB 1JYQ unspecified 'XRAY STRUCTURE OF GRB2 SH2 DOMAIN COMPLEXED WITH A HIGHLYAFFINE PHOSPHO PEPTIDE' 
PDB 1GFC unspecified . 
PDB 2AOB unspecified 'CRYSTAL STRUCTURES OF A HIGH-AFFINITY MACROCYCLIC PEPTIDEMIMETIC IN COMPLEX WITH THE GRB2 SH2 DOMAIN' 
PDB 1X0N unspecified 'NMR STRUCTURE OF GROWTH FACTOR RECEPTOR BINDING PROTEIN SH2DOMAIN COMPLEXED WITH THE INHIBITOR' 
PDB 1TZE unspecified 
;SIGNAL TRANSDUCTION ADAPTOR GROWTH FACTOR, GRB2 SH2 DOMAIN COMPLEXED WITH PHOSPHOTYROSYL HEPTAPEPTIDE LYS-PRO-PHE-PTYR-VAL-ASN- VAL-NH2 (KFPPYVNC-NH2)
;
PDB 1AZE unspecified 
'NMR STRUCTURE OF THE COMPLEX BETWEEN THE C32S-Y7V MUTANT OF THE NSH3 DOMAIN OF GRB2 WITH A PEPTIDE FROM SOS, 10 STRUCTURES' 
PDB 1GRI unspecified GRB2 
PDB 1IO6 unspecified 
'GROWTH FACTOR RECEPTOR-BOUND PROTEIN 2 (GRB2 ) C-TERMINALSH3 DOMAIN COMPLEXED WITH A LIGAND PEPTIDE (NMR, MINIMIZEDMEAN STRUCTURE)' 
PDB 1FHS unspecified 
;THE THREE-DIMENSIONAL SOLUTION STRUCTURE OF THE SRCHOMOLOGY DOMAIN-2 OF THE GROWTH FACTOR RECEPTOR BOUNDPROTEIN-2, NMR, 18 STRUCTURES
;
PDB 1ZFP unspecified 'GROWTH FACTOR RECEPTOR BINDING PROTEIN SH2 DOMAIN COMPLEXEDWITH A PHOSPHOTYROSYL PENTAPEPTIDE' 
PDB 1GCQ unspecified 'CRYSTAL STRUCTURE OF VAV AND GRB2 SH3 DOMAINS' 
PDB 1GHU unspecified 'NMR SOLUTION STRUCTURE OF GROWTH FACTOR RECEPTOR-BOUNDPROTEIN 2 (GRB2) SH2 DOMAIN, 24 STRUCTURES' 
PDB 2AOA unspecified 'CRYSTAL STRUCTURES OF A HIGH-AFFINITY MACROCYCLIC PEPTIDEMIMETIC IN COMPLEX WITH THE GRB2 SH2 DOMAIN' 
PDB 1JYR unspecified 'XRAY STRUCTURE OF GRB2 SH2 DOMAIN COMPLEXED WITH APHOSPHORYLATED PEPTIDE' 
# 
_pdbx_database_status.status_code                     REL 
_pdbx_database_status.entry_id                        2VVK 
_pdbx_database_status.deposit_site                    PDBE 
_pdbx_database_status.process_site                    PDBE 
_pdbx_database_status.SG_entry                        . 
_pdbx_database_status.recvd_initial_deposition_date   2008-06-09 
_pdbx_database_status.pdb_format_compatible           Y 
_pdbx_database_status.status_code_sf                  REL 
_pdbx_database_status.status_code_mr                  ? 
_pdbx_database_status.status_code_cs                  ? 
_pdbx_database_status.methods_development_category    ? 
_pdbx_database_status.status_code_nmr_data            ? 
# 
loop_
_audit_author.name 
_audit_author.pdbx_ordinal 
'Harkiolaki, M.' 1 
'Tsirka, T.'     2 
'Feller, S.M.'   3 
# 
_citation.id                        primary 
_citation.title                     'Distinct Binding Modes of Two Epitopes in Gab2 that Interact with the Sh3C Domain of Grb2.' 
_citation.journal_abbrev            Structure 
_citation.journal_volume            17 
_citation.page_first                809 
_citation.page_last                 ? 
_citation.year                      2009 
_citation.journal_id_ASTM           STRUE6 
_citation.country                   UK 
_citation.journal_id_ISSN           0969-2126 
_citation.journal_id_CSD            2005 
_citation.book_publisher            ? 
_citation.pdbx_database_id_PubMed   19523899 
_citation.pdbx_database_id_DOI      10.1016/J.STR.2009.03.017 
# 
loop_
_citation_author.citation_id 
_citation_author.name 
_citation_author.ordinal 
_citation_author.identifier_ORCID 
primary 'Harkiolaki, M.' 1 ? 
primary 'Tsirka, T.'     2 ? 
primary 'Lewitzky, M.'   3 ? 
primary 'Simister, P.C.' 4 ? 
primary 'Joshi, D.'      5 ? 
primary 'Bird, L.E.'     6 ? 
primary 'Jones, E.Y.'    7 ? 
primary 
;O'Reilly, N.
;
8 ? 
primary 'Feller, S.M.'   9 ? 
# 
_cell.entry_id           2VVK 
_cell.length_a           25.405 
_cell.length_b           38.681 
_cell.length_c           50.870 
_cell.angle_alpha        90.00 
_cell.angle_beta         90.00 
_cell.angle_gamma        90.00 
_cell.Z_PDB              4 
_cell.pdbx_unique_axis   ? 
# 
_symmetry.entry_id                         2VVK 
_symmetry.space_group_name_H-M             'P 21 21 21' 
_symmetry.pdbx_full_space_group_name_H-M   ? 
_symmetry.cell_setting                     ? 
_symmetry.Int_Tables_number                19 
# 
loop_
_entity.id 
_entity.type 
_entity.src_method 
_entity.pdbx_description 
_entity.formula_weight 
_entity.pdbx_number_of_molecules 
_entity.pdbx_ec 
_entity.pdbx_mutation 
_entity.pdbx_fragment 
_entity.details 
1 polymer     man 'GROWTH FACTOR RECEPTOR-BOUND PROTEIN 2' 6363.956 1  ? ? 'SH3 DOMAIN, RESIDUES 161-214' 
'N TERMINAL GS OVERHAND DUE TO THROMBIN CLEAVAGE' 
2 non-polymer syn GLYCEROL                                 92.094   1  ? ? ?                              ? 
3 water       nat water                                    18.015   77 ? ? ?                              ? 
# 
_entity_name_com.entity_id   1 
_entity_name_com.name        'ADAPTER PROTEIN GRB2, SH2/SH3 ADAPTER GRB2, PROTEIN ASH, GRB2 SH3C' 
# 
_entity_poly.entity_id                      1 
_entity_poly.type                           'polypeptide(L)' 
_entity_poly.nstd_linkage                   no 
_entity_poly.nstd_monomer                   no 
_entity_poly.pdbx_seq_one_letter_code       GSVQALFDFDPQEDGELGFRRGDFIHVMDNSDPNWWKGACHGQTGMFPRNYVTPVN 
_entity_poly.pdbx_seq_one_letter_code_can   GSVQALFDFDPQEDGELGFRRGDFIHVMDNSDPNWWKGACHGQTGMFPRNYVTPVN 
_entity_poly.pdbx_strand_id                 A 
_entity_poly.pdbx_target_identifier         ? 
# 
loop_
_entity_poly_seq.entity_id 
_entity_poly_seq.num 
_entity_poly_seq.mon_id 
_entity_poly_seq.hetero 
1 1  GLY n 
1 2  SER n 
1 3  VAL n 
1 4  GLN n 
1 5  ALA n 
1 6  LEU n 
1 7  PHE n 
1 8  ASP n 
1 9  PHE n 
1 10 ASP n 
1 11 PRO n 
1 12 GLN n 
1 13 GLU n 
1 14 ASP n 
1 15 GLY n 
1 16 GLU n 
1 17 LEU n 
1 18 GLY n 
1 19 PHE n 
1 20 ARG n 
1 21 ARG n 
1 22 GLY n 
1 23 ASP n 
1 24 PHE n 
1 25 ILE n 
1 26 HIS n 
1 27 VAL n 
1 28 MET n 
1 29 ASP n 
1 30 ASN n 
1 31 SER n 
1 32 ASP n 
1 33 PRO n 
1 34 ASN n 
1 35 TRP n 
1 36 TRP n 
1 37 LYS n 
1 38 GLY n 
1 39 ALA n 
1 40 CYS n 
1 41 HIS n 
1 42 GLY n 
1 43 GLN n 
1 44 THR n 
1 45 GLY n 
1 46 MET n 
1 47 PHE n 
1 48 PRO n 
1 49 ARG n 
1 50 ASN n 
1 51 TYR n 
1 52 VAL n 
1 53 THR n 
1 54 PRO n 
1 55 VAL n 
1 56 ASN n 
# 
_entity_src_gen.entity_id                          1 
_entity_src_gen.pdbx_src_id                        1 
_entity_src_gen.pdbx_alt_source_flag               sample 
_entity_src_gen.pdbx_seq_type                      ? 
_entity_src_gen.pdbx_beg_seq_num                   ? 
_entity_src_gen.pdbx_end_seq_num                   ? 
_entity_src_gen.gene_src_common_name               HUMAN 
_entity_src_gen.gene_src_genus                     ? 
_entity_src_gen.pdbx_gene_src_gene                 ? 
_entity_src_gen.gene_src_species                   ? 
_entity_src_gen.gene_src_strain                    ? 
_entity_src_gen.gene_src_tissue                    ? 
_entity_src_gen.gene_src_tissue_fraction           ? 
_entity_src_gen.gene_src_details                   ? 
_entity_src_gen.pdbx_gene_src_fragment             ? 
_entity_src_gen.pdbx_gene_src_scientific_name      'HOMO SAPIENS' 
_entity_src_gen.pdbx_gene_src_ncbi_taxonomy_id     9606 
_entity_src_gen.pdbx_gene_src_variant              ? 
_entity_src_gen.pdbx_gene_src_cell_line            ? 
_entity_src_gen.pdbx_gene_src_atcc                 ? 
_entity_src_gen.pdbx_gene_src_organ                ? 
_entity_src_gen.pdbx_gene_src_organelle            ? 
_entity_src_gen.pdbx_gene_src_cell                 ? 
_entity_src_gen.pdbx_gene_src_cellular_location    ? 
_entity_src_gen.host_org_common_name               ? 
_entity_src_gen.pdbx_host_org_scientific_name      'ESCHERICHIA COLI' 
_entity_src_gen.pdbx_host_org_ncbi_taxonomy_id     469008 
_entity_src_gen.host_org_genus                     ? 
_entity_src_gen.pdbx_host_org_gene                 ? 
_entity_src_gen.pdbx_host_org_organ                ? 
_entity_src_gen.host_org_species                   ? 
_entity_src_gen.pdbx_host_org_tissue               ? 
_entity_src_gen.pdbx_host_org_tissue_fraction      ? 
_entity_src_gen.pdbx_host_org_strain               'BL21(DE3)' 
_entity_src_gen.pdbx_host_org_variant              ? 
_entity_src_gen.pdbx_host_org_cell_line            ? 
_entity_src_gen.pdbx_host_org_atcc                 ? 
_entity_src_gen.pdbx_host_org_culture_collection   ? 
_entity_src_gen.pdbx_host_org_cell                 ? 
_entity_src_gen.pdbx_host_org_organelle            ? 
_entity_src_gen.pdbx_host_org_cellular_location    ? 
_entity_src_gen.pdbx_host_org_vector_type          ? 
_entity_src_gen.pdbx_host_org_vector               ? 
_entity_src_gen.host_org_details                   ? 
_entity_src_gen.expression_system_id               ? 
_entity_src_gen.plasmid_name                       PGEX-2T 
_entity_src_gen.plasmid_details                    ? 
_entity_src_gen.pdbx_description                   ? 
# 
loop_
_struct_ref.id 
_struct_ref.db_name 
_struct_ref.db_code 
_struct_ref.entity_id 
_struct_ref.pdbx_seq_one_letter_code 
_struct_ref.pdbx_align_begin 
_struct_ref.pdbx_db_accession 
_struct_ref.pdbx_db_isoform 
1 PDB 2VVK       1 ? ? 2VVK   ? 
2 UNP GRB2_HUMAN 1 ? ? P62993 ? 
# 
loop_
_struct_ref_seq.align_id 
_struct_ref_seq.ref_id 
_struct_ref_seq.pdbx_PDB_id_code 
_struct_ref_seq.pdbx_strand_id 
_struct_ref_seq.seq_align_beg 
_struct_ref_seq.pdbx_seq_align_beg_ins_code 
_struct_ref_seq.seq_align_end 
_struct_ref_seq.pdbx_seq_align_end_ins_code 
_struct_ref_seq.pdbx_db_accession 
_struct_ref_seq.db_align_beg 
_struct_ref_seq.pdbx_db_align_beg_ins_code 
_struct_ref_seq.db_align_end 
_struct_ref_seq.pdbx_db_align_end_ins_code 
_struct_ref_seq.pdbx_auth_seq_align_beg 
_struct_ref_seq.pdbx_auth_seq_align_end 
1 1 2VVK A 1 ? 2  ? 2VVK   1   ? 2   ? 1 2  
2 2 2VVK A 3 ? 56 ? P62993 161 ? 214 ? 3 56 
# 
loop_
_chem_comp.id 
_chem_comp.type 
_chem_comp.mon_nstd_flag 
_chem_comp.name 
_chem_comp.pdbx_synonyms 
_chem_comp.formula 
_chem_comp.formula_weight 
ALA 'L-peptide linking' y ALANINE         ?                               'C3 H7 N O2'     89.093  
ARG 'L-peptide linking' y ARGININE        ?                               'C6 H15 N4 O2 1' 175.209 
ASN 'L-peptide linking' y ASPARAGINE      ?                               'C4 H8 N2 O3'    132.118 
ASP 'L-peptide linking' y 'ASPARTIC ACID' ?                               'C4 H7 N O4'     133.103 
CYS 'L-peptide linking' y CYSTEINE        ?                               'C3 H7 N O2 S'   121.158 
GLN 'L-peptide linking' y GLUTAMINE       ?                               'C5 H10 N2 O3'   146.144 
GLU 'L-peptide linking' y 'GLUTAMIC ACID' ?                               'C5 H9 N O4'     147.129 
GLY 'peptide linking'   y GLYCINE         ?                               'C2 H5 N O2'     75.067  
GOL non-polymer         . GLYCEROL        'GLYCERIN; PROPANE-1,2,3-TRIOL' 'C3 H8 O3'       92.094  
HIS 'L-peptide linking' y HISTIDINE       ?                               'C6 H10 N3 O2 1' 156.162 
HOH non-polymer         . WATER           ?                               'H2 O'           18.015  
ILE 'L-peptide linking' y ISOLEUCINE      ?                               'C6 H13 N O2'    131.173 
LEU 'L-peptide linking' y LEUCINE         ?                               'C6 H13 N O2'    131.173 
LYS 'L-peptide linking' y LYSINE          ?                               'C6 H15 N2 O2 1' 147.195 
MET 'L-peptide linking' y METHIONINE      ?                               'C5 H11 N O2 S'  149.211 
PHE 'L-peptide linking' y PHENYLALANINE   ?                               'C9 H11 N O2'    165.189 
PRO 'L-peptide linking' y PROLINE         ?                               'C5 H9 N O2'     115.130 
SER 'L-peptide linking' y SERINE          ?                               'C3 H7 N O3'     105.093 
THR 'L-peptide linking' y THREONINE       ?                               'C4 H9 N O3'     119.119 
TRP 'L-peptide linking' y TRYPTOPHAN      ?                               'C11 H12 N2 O2'  204.225 
TYR 'L-peptide linking' y TYROSINE        ?                               'C9 H11 N O3'    181.189 
VAL 'L-peptide linking' y VALINE          ?                               'C5 H11 N O2'    117.146 
# 
_exptl.entry_id          2VVK 
_exptl.method            'X-RAY DIFFRACTION' 
_exptl.crystals_number   1 
# 
_exptl_crystal.id                    1 
_exptl_crystal.density_meas          ? 
_exptl_crystal.density_Matthews      1.97 
_exptl_crystal.density_percent_sol   37.5 
_exptl_crystal.description           NONE 
# 
_exptl_crystal_grow.crystal_id      1 
_exptl_crystal_grow.method          ? 
_exptl_crystal_grow.temp            ? 
_exptl_crystal_grow.temp_details    ? 
_exptl_crystal_grow.pH              4.6 
_exptl_crystal_grow.pdbx_pH_range   ? 
_exptl_crystal_grow.pdbx_details    '8% PEG 4K, 0.1M NAACETATE PH 4.6' 
# 
_diffrn.id                     1 
_diffrn.ambient_temp           77 
_diffrn.ambient_temp_details   ? 
_diffrn.crystal_id             1 
# 
_diffrn_detector.diffrn_id              1 
_diffrn_detector.detector               CCD 
_diffrn_detector.type                   MARRESEARCH 
_diffrn_detector.pdbx_collection_date   2007-04-16 
_diffrn_detector.details                MIRRORS 
# 
_diffrn_radiation.diffrn_id                        1 
_diffrn_radiation.wavelength_id                    1 
_diffrn_radiation.pdbx_monochromatic_or_laue_m_l   M 
_diffrn_radiation.monochromator                    'SI(111)' 
_diffrn_radiation.pdbx_diffrn_protocol             'SINGLE WAVELENGTH' 
_diffrn_radiation.pdbx_scattering_type             x-ray 
# 
_diffrn_radiation_wavelength.id           1 
_diffrn_radiation_wavelength.wavelength   0.976 
_diffrn_radiation_wavelength.wt           1.0 
# 
_diffrn_source.diffrn_id                   1 
_diffrn_source.source                      SYNCHROTRON 
_diffrn_source.type                        'ESRF BEAMLINE BM14' 
_diffrn_source.pdbx_synchrotron_site       ESRF 
_diffrn_source.pdbx_synchrotron_beamline   BM14 
_diffrn_source.pdbx_wavelength             0.976 
_diffrn_source.pdbx_wavelength_list        ? 
# 
_reflns.pdbx_diffrn_id               1 
_reflns.pdbx_ordinal                 1 
_reflns.entry_id                     2VVK 
_reflns.observed_criterion_sigma_I   1.0 
_reflns.observed_criterion_sigma_F   ? 
_reflns.d_resolution_low             30.00 
_reflns.d_resolution_high            1.60 
_reflns.number_obs                   6917 
_reflns.number_all                   ? 
_reflns.percent_possible_obs         98.4 
_reflns.pdbx_Rmerge_I_obs            0.03 
_reflns.pdbx_Rsym_value              ? 
_reflns.pdbx_netI_over_sigmaI        89.20 
_reflns.B_iso_Wilson_estimate        ? 
_reflns.pdbx_redundancy              13.9 
# 
_reflns_shell.pdbx_diffrn_id         1 
_reflns_shell.pdbx_ordinal           1 
_reflns_shell.d_res_high             1.60 
_reflns_shell.d_res_low              1.66 
_reflns_shell.percent_possible_all   100.0 
_reflns_shell.Rmerge_I_obs           0.03 
_reflns_shell.pdbx_Rsym_value        ? 
_reflns_shell.meanI_over_sigI_obs    14.40 
_reflns_shell.pdbx_redundancy        14.4 
# 
_refine.pdbx_refine_id                           'X-RAY DIFFRACTION' 
_refine.entry_id                                 2VVK 
_refine.pdbx_diffrn_id                           1 
_refine.pdbx_TLS_residual_ADP_flag               ? 
_refine.ls_number_reflns_obs                     6559 
_refine.ls_number_reflns_all                     ? 
_refine.pdbx_ls_sigma_I                          ? 
_refine.pdbx_ls_sigma_F                          ? 
_refine.pdbx_data_cutoff_high_absF               ? 
_refine.pdbx_data_cutoff_low_absF                ? 
_refine.pdbx_data_cutoff_high_rms_absF           ? 
_refine.ls_d_res_low                             30.79 
_refine.ls_d_res_high                            1.60 
_refine.ls_percent_reflns_obs                    98.5 
_refine.ls_R_factor_obs                          0.160 
_refine.ls_R_factor_all                          ? 
_refine.ls_R_factor_R_work                       0.159 
_refine.ls_R_factor_R_free                       0.178 
_refine.ls_R_factor_R_free_error                 ? 
_refine.ls_R_factor_R_free_error_details         ? 
_refine.ls_percent_reflns_R_free                 4.800 
_refine.ls_number_reflns_R_free                  330 
_refine.ls_number_parameters                     ? 
_refine.ls_number_restraints                     ? 
_refine.occupancy_min                            ? 
_refine.occupancy_max                            ? 
_refine.correlation_coeff_Fo_to_Fc               0.951 
_refine.correlation_coeff_Fo_to_Fc_free          0.937 
_refine.B_iso_mean                               8.68 
_refine.aniso_B[1][1]                            -0.11000 
_refine.aniso_B[2][2]                            0.02000 
_refine.aniso_B[3][3]                            0.08000 
_refine.aniso_B[1][2]                            0.00000 
_refine.aniso_B[1][3]                            0.00000 
_refine.aniso_B[2][3]                            0.00000 
_refine.solvent_model_details                    MASK 
_refine.solvent_model_param_ksol                 ? 
_refine.solvent_model_param_bsol                 ? 
_refine.pdbx_solvent_vdw_probe_radii             1.20 
_refine.pdbx_solvent_ion_probe_radii             0.80 
_refine.pdbx_solvent_shrinkage_radii             0.80 
_refine.pdbx_ls_cross_valid_method               THROUGHOUT 
_refine.details                                  'HYDROGENS HAVE BEEN ADDED IN THE RIDING POSITIONS.' 
_refine.pdbx_starting_model                      'PDB ENTRY 1IO6' 
_refine.pdbx_method_to_determine_struct          'MOLECULAR REPLACEMENT' 
_refine.pdbx_isotropic_thermal_model             ? 
_refine.pdbx_stereochemistry_target_values       'MAXIMUM LIKELIHOOD' 
_refine.pdbx_stereochem_target_val_spec_case     ? 
_refine.pdbx_R_Free_selection_details            RANDOM 
_refine.pdbx_overall_ESU_R                       0.091 
_refine.pdbx_overall_ESU_R_Free                  0.083 
_refine.overall_SU_ML                            0.044 
_refine.pdbx_overall_phase_error                 ? 
_refine.overall_SU_B                             1.214 
_refine.overall_SU_R_Cruickshank_DPI             ? 
_refine.pdbx_overall_SU_R_free_Cruickshank_DPI   ? 
_refine.pdbx_overall_SU_R_Blow_DPI               ? 
_refine.pdbx_overall_SU_R_free_Blow_DPI          ? 
# 
_refine_hist.pdbx_refine_id                   'X-RAY DIFFRACTION' 
_refine_hist.cycle_id                         LAST 
_refine_hist.pdbx_number_atoms_protein        448 
_refine_hist.pdbx_number_atoms_nucleic_acid   0 
_refine_hist.pdbx_number_atoms_ligand         6 
_refine_hist.number_atoms_solvent             77 
_refine_hist.number_atoms_total               531 
_refine_hist.d_res_high                       1.60 
_refine_hist.d_res_low                        30.79 
# 
loop_
_refine_ls_restr.type 
_refine_ls_restr.dev_ideal 
_refine_ls_restr.dev_ideal_target 
_refine_ls_restr.weight 
_refine_ls_restr.number 
_refine_ls_restr.pdbx_refine_id 
_refine_ls_restr.pdbx_restraint_function 
r_bond_refined_d             0.008  0.021  ? 478 'X-RAY DIFFRACTION' ? 
r_bond_other_d               ?      ?      ? ?   'X-RAY DIFFRACTION' ? 
r_angle_refined_deg          1.165  1.908  ? 650 'X-RAY DIFFRACTION' ? 
r_angle_other_deg            ?      ?      ? ?   'X-RAY DIFFRACTION' ? 
r_dihedral_angle_1_deg       5.726  5.000  ? 59  'X-RAY DIFFRACTION' ? 
r_dihedral_angle_2_deg       32.130 24.483 ? 29  'X-RAY DIFFRACTION' ? 
r_dihedral_angle_3_deg       15.461 15.000 ? 66  'X-RAY DIFFRACTION' ? 
r_dihedral_angle_4_deg       11.724 15.000 ? 3   'X-RAY DIFFRACTION' ? 
r_chiral_restr               0.085  0.200  ? 60  'X-RAY DIFFRACTION' ? 
r_gen_planes_refined         0.005  0.020  ? 398 'X-RAY DIFFRACTION' ? 
r_gen_planes_other           ?      ?      ? ?   'X-RAY DIFFRACTION' ? 
r_nbd_refined                0.188  0.200  ? 210 'X-RAY DIFFRACTION' ? 
r_nbd_other                  ?      ?      ? ?   'X-RAY DIFFRACTION' ? 
r_nbtor_refined              0.310  0.200  ? 315 'X-RAY DIFFRACTION' ? 
r_nbtor_other                ?      ?      ? ?   'X-RAY DIFFRACTION' ? 
r_xyhbond_nbd_refined        0.143  0.200  ? 52  'X-RAY DIFFRACTION' ? 
r_xyhbond_nbd_other          ?      ?      ? ?   'X-RAY DIFFRACTION' ? 
r_metal_ion_refined          ?      ?      ? ?   'X-RAY DIFFRACTION' ? 
r_metal_ion_other            ?      ?      ? ?   'X-RAY DIFFRACTION' ? 
r_symmetry_vdw_refined       0.200  0.200  ? 33  'X-RAY DIFFRACTION' ? 
r_symmetry_vdw_other         ?      ?      ? ?   'X-RAY DIFFRACTION' ? 
r_symmetry_hbond_refined     0.095  0.200  ? 22  'X-RAY DIFFRACTION' ? 
r_symmetry_hbond_other       ?      ?      ? ?   'X-RAY DIFFRACTION' ? 
r_symmetry_metal_ion_refined ?      ?      ? ?   'X-RAY DIFFRACTION' ? 
r_symmetry_metal_ion_other   ?      ?      ? ?   'X-RAY DIFFRACTION' ? 
r_mcbond_it                  0.742  1.500  ? 289 'X-RAY DIFFRACTION' ? 
r_mcbond_other               ?      ?      ? ?   'X-RAY DIFFRACTION' ? 
r_mcangle_it                 1.200  2.000  ? 453 'X-RAY DIFFRACTION' ? 
r_mcangle_other              ?      ?      ? ?   'X-RAY DIFFRACTION' ? 
r_scbond_it                  1.728  3.000  ? 219 'X-RAY DIFFRACTION' ? 
r_scbond_other               ?      ?      ? ?   'X-RAY DIFFRACTION' ? 
r_scangle_it                 2.616  4.500  ? 195 'X-RAY DIFFRACTION' ? 
r_scangle_other              ?      ?      ? ?   'X-RAY DIFFRACTION' ? 
r_long_range_B_refined       ?      ?      ? ?   'X-RAY DIFFRACTION' ? 
r_long_range_B_other         ?      ?      ? ?   'X-RAY DIFFRACTION' ? 
r_rigid_bond_restr           ?      ?      ? ?   'X-RAY DIFFRACTION' ? 
r_sphericity_free            ?      ?      ? ?   'X-RAY DIFFRACTION' ? 
r_sphericity_bonded          ?      ?      ? ?   'X-RAY DIFFRACTION' ? 
# 
_refine_ls_shell.pdbx_refine_id                   'X-RAY DIFFRACTION' 
_refine_ls_shell.pdbx_total_number_of_bins_used   20 
_refine_ls_shell.d_res_high                       1.60 
_refine_ls_shell.d_res_low                        1.64 
_refine_ls_shell.number_reflns_R_work             458 
_refine_ls_shell.R_factor_R_work                  0.1510 
_refine_ls_shell.percent_reflns_obs               99.18 
_refine_ls_shell.R_factor_R_free                  0.1900 
_refine_ls_shell.R_factor_R_free_error            ? 
_refine_ls_shell.percent_reflns_R_free            ? 
_refine_ls_shell.number_reflns_R_free             23 
_refine_ls_shell.number_reflns_all                ? 
_refine_ls_shell.R_factor_all                     ? 
# 
_struct.entry_id                  2VVK 
_struct.title                     'Grb2 SH3C (1)' 
_struct.pdbx_model_details        ? 
_struct.pdbx_CASP_flag            ? 
_struct.pdbx_model_type_details   ? 
# 
_struct_keywords.entry_id        2VVK 
_struct_keywords.pdbx_keywords   'PROTEIN BINDING' 
_struct_keywords.text            
;GRB2 SH3, SH3 DOMAIN, SH2 DOMAIN, PHOSPHOPROTEIN, HOST-VIRUS INTERACTION, PROTEIN-BINDING, GOLGI APPARATUS, ALTERNATIVE SPLICING, PROTEIN BINDING
;
# 
loop_
_struct_asym.id 
_struct_asym.pdbx_blank_PDB_chainid_flag 
_struct_asym.pdbx_modified 
_struct_asym.entity_id 
_struct_asym.details 
A N N 1 ? 
B N N 2 ? 
C N N 3 ? 
# 
_struct_biol.id   1 
# 
_struct_sheet.id               AA 
_struct_sheet.type             ? 
_struct_sheet.number_strands   5 
_struct_sheet.details          ? 
# 
loop_
_struct_sheet_order.sheet_id 
_struct_sheet_order.range_id_1 
_struct_sheet_order.range_id_2 
_struct_sheet_order.offset 
_struct_sheet_order.sense 
AA 1 2 ? anti-parallel 
AA 2 3 ? anti-parallel 
AA 3 4 ? anti-parallel 
AA 4 5 ? anti-parallel 
# 
loop_
_struct_sheet_range.sheet_id 
_struct_sheet_range.id 
_struct_sheet_range.beg_label_comp_id 
_struct_sheet_range.beg_label_asym_id 
_struct_sheet_range.beg_label_seq_id 
_struct_sheet_range.pdbx_beg_PDB_ins_code 
_struct_sheet_range.end_label_comp_id 
_struct_sheet_range.end_label_asym_id 
_struct_sheet_range.end_label_seq_id 
_struct_sheet_range.pdbx_end_PDB_ins_code 
_struct_sheet_range.beg_auth_comp_id 
_struct_sheet_range.beg_auth_asym_id 
_struct_sheet_range.beg_auth_seq_id 
_struct_sheet_range.end_auth_comp_id 
_struct_sheet_range.end_auth_asym_id 
_struct_sheet_range.end_auth_seq_id 
AA 1 GLN A 43 ? PRO A 48 ? GLN A 43 PRO A 48 
AA 2 TRP A 35 ? CYS A 40 ? TRP A 35 CYS A 40 
AA 3 PHE A 24 ? ASP A 29 ? PHE A 24 ASP A 29 
AA 4 SER A 2  ? ALA A 5  ? SER A 2  ALA A 5  
AA 5 VAL A 52 ? PRO A 54 ? VAL A 52 PRO A 54 
# 
loop_
_pdbx_struct_sheet_hbond.sheet_id 
_pdbx_struct_sheet_hbond.range_id_1 
_pdbx_struct_sheet_hbond.range_id_2 
_pdbx_struct_sheet_hbond.range_1_label_atom_id 
_pdbx_struct_sheet_hbond.range_1_label_comp_id 
_pdbx_struct_sheet_hbond.range_1_label_asym_id 
_pdbx_struct_sheet_hbond.range_1_label_seq_id 
_pdbx_struct_sheet_hbond.range_1_PDB_ins_code 
_pdbx_struct_sheet_hbond.range_1_auth_atom_id 
_pdbx_struct_sheet_hbond.range_1_auth_comp_id 
_pdbx_struct_sheet_hbond.range_1_auth_asym_id 
_pdbx_struct_sheet_hbond.range_1_auth_seq_id 
_pdbx_struct_sheet_hbond.range_2_label_atom_id 
_pdbx_struct_sheet_hbond.range_2_label_comp_id 
_pdbx_struct_sheet_hbond.range_2_label_asym_id 
_pdbx_struct_sheet_hbond.range_2_label_seq_id 
_pdbx_struct_sheet_hbond.range_2_PDB_ins_code 
_pdbx_struct_sheet_hbond.range_2_auth_atom_id 
_pdbx_struct_sheet_hbond.range_2_auth_comp_id 
_pdbx_struct_sheet_hbond.range_2_auth_asym_id 
_pdbx_struct_sheet_hbond.range_2_auth_seq_id 
AA 1 2 N PHE A 47 ? N PHE A 47 O TRP A 36 ? O TRP A 36 
AA 2 3 N ALA A 39 ? N ALA A 39 O HIS A 26 ? O HIS A 26 
AA 3 4 N ILE A 25 ? N ILE A 25 O VAL A 3  ? O VAL A 3  
AA 4 5 N GLN A 4  ? N GLN A 4  O THR A 53 ? O THR A 53 
# 
_struct_site.id                   AC1 
_struct_site.pdbx_evidence_code   Software 
_struct_site.pdbx_auth_asym_id    A 
_struct_site.pdbx_auth_comp_id    GOL 
_struct_site.pdbx_auth_seq_id     1057 
_struct_site.pdbx_auth_ins_code   ? 
_struct_site.pdbx_num_residues    10 
_struct_site.details              'BINDING SITE FOR RESIDUE GOL A 1057' 
# 
loop_
_struct_site_gen.id 
_struct_site_gen.site_id 
_struct_site_gen.pdbx_num_res 
_struct_site_gen.label_comp_id 
_struct_site_gen.label_asym_id 
_struct_site_gen.label_seq_id 
_struct_site_gen.pdbx_auth_ins_code 
_struct_site_gen.auth_comp_id 
_struct_site_gen.auth_asym_id 
_struct_site_gen.auth_seq_id 
_struct_site_gen.label_atom_id 
_struct_site_gen.label_alt_id 
_struct_site_gen.symmetry 
_struct_site_gen.details 
1  AC1 10 GLY A 1  ? GLY A 1    . ? 1_555 ? 
2  AC1 10 VAL A 3  ? VAL A 3    . ? 1_555 ? 
3  AC1 10 VAL A 27 ? VAL A 27   . ? 1_555 ? 
4  AC1 10 ASN A 30 ? ASN A 30   . ? 1_555 ? 
5  AC1 10 ASN A 50 ? ASN A 50   . ? 4_556 ? 
6  AC1 10 PRO A 54 ? PRO A 54   . ? 1_555 ? 
7  AC1 10 HOH C .  ? HOH A 2026 . ? 3_645 ? 
8  AC1 10 HOH C .  ? HOH A 2075 . ? 1_555 ? 
9  AC1 10 HOH C .  ? HOH A 2076 . ? 1_555 ? 
10 AC1 10 HOH C .  ? HOH A 2077 . ? 1_555 ? 
# 
_atom_sites.entry_id                    2VVK 
_atom_sites.fract_transf_matrix[1][1]   -0.01774788 
_atom_sites.fract_transf_matrix[1][2]   -0.01880805 
_atom_sites.fract_transf_matrix[1][3]   0.02967553 
_atom_sites.fract_transf_matrix[2][1]   -0.00900570 
_atom_sites.fract_transf_matrix[2][2]   -0.01766876 
_atom_sites.fract_transf_matrix[2][3]   -0.01658427 
_atom_sites.fract_transf_matrix[3][1]   0.01615485 
_atom_sites.fract_transf_matrix[3][2]   -0.01084884 
_atom_sites.fract_transf_matrix[3][3]   0.00278576 
_atom_sites.fract_transf_vector[1]      0.406790 
_atom_sites.fract_transf_vector[2]      0.310043 
_atom_sites.fract_transf_vector[3]      0.317591 
# 
loop_
_atom_type.symbol 
C 
N 
O 
S 
# 
loop_
_atom_site.group_PDB 
_atom_site.id 
_atom_site.type_symbol 
_atom_site.label_atom_id 
_atom_site.label_alt_id 
_atom_site.label_comp_id 
_atom_site.label_asym_id 
_atom_site.label_entity_id 
_atom_site.label_seq_id 
_atom_site.pdbx_PDB_ins_code 
_atom_site.Cartn_x 
_atom_site.Cartn_y 
_atom_site.Cartn_z 
_atom_site.occupancy 
_atom_site.B_iso_or_equiv 
_atom_site.pdbx_formal_charge 
_atom_site.auth_seq_id 
_atom_site.auth_comp_id 
_atom_site.auth_asym_id 
_atom_site.auth_atom_id 
_atom_site.pdbx_PDB_model_num 
ATOM   1   N N   . GLY A 1 1  ? -2.301  -3.573  11.179  1.00 5.77  ? 1    GLY A N   1 
ATOM   2   C CA  . GLY A 1 1  ? -1.914  -2.158  11.477  1.00 5.59  ? 1    GLY A CA  1 
ATOM   3   C C   . GLY A 1 1  ? -1.556  -1.448  10.195  1.00 5.58  ? 1    GLY A C   1 
ATOM   4   O O   . GLY A 1 1  ? -1.943  -1.894  9.110   1.00 5.96  ? 1    GLY A O   1 
ATOM   5   N N   . SER A 1 2  ? -0.838  -0.337  10.324  1.00 5.88  ? 2    SER A N   1 
ATOM   6   C CA  . SER A 1 2  ? -0.343  0.390   9.164   1.00 6.20  ? 2    SER A CA  1 
ATOM   7   C C   . SER A 1 2  ? 1.093   -0.012  8.880   1.00 6.32  ? 2    SER A C   1 
ATOM   8   O O   . SER A 1 2  ? 1.820   -0.463  9.776   1.00 8.32  ? 2    SER A O   1 
ATOM   9   C CB  . SER A 1 2  ? -0.447  1.903   9.390   1.00 6.33  ? 2    SER A CB  1 
ATOM   10  O OG  . SER A 1 2  ? -1.801  2.305   9.415   1.00 7.57  ? 2    SER A OG  1 
ATOM   11  N N   . VAL A 1 3  ? 1.486   0.145   7.622   1.00 4.83  ? 3    VAL A N   1 
ATOM   12  C CA  . VAL A 1 3  ? 2.861   -0.047  7.185   1.00 4.16  ? 3    VAL A CA  1 
ATOM   13  C C   . VAL A 1 3  ? 3.322   1.278   6.580   1.00 3.68  ? 3    VAL A C   1 
ATOM   14  O O   . VAL A 1 3  ? 2.494   2.156   6.288   1.00 3.43  ? 3    VAL A O   1 
ATOM   15  C CB  . VAL A 1 3  ? 2.957   -1.171  6.124   1.00 3.49  ? 3    VAL A CB  1 
ATOM   16  C CG1 . VAL A 1 3  ? 2.705   -2.532  6.767   1.00 5.19  ? 3    VAL A CG1 1 
ATOM   17  C CG2 . VAL A 1 3  ? 1.965   -0.926  4.975   1.00 4.20  ? 3    VAL A CG2 1 
ATOM   18  N N   . GLN A 1 4  ? 4.632   1.437   6.409   1.00 3.54  ? 4    GLN A N   1 
ATOM   19  C CA  . GLN A 1 4  ? 5.164   2.641   5.783   1.00 3.68  ? 4    GLN A CA  1 
ATOM   20  C C   . GLN A 1 4  ? 5.838   2.290   4.454   1.00 3.67  ? 4    GLN A C   1 
ATOM   21  O O   . GLN A 1 4  ? 6.541   1.270   4.354   1.00 3.64  ? 4    GLN A O   1 
ATOM   22  C CB  . GLN A 1 4  ? 6.145   3.339   6.718   1.00 4.26  ? 4    GLN A CB  1 
ATOM   23  C CG  . GLN A 1 4  ? 6.566   4.726   6.217   1.00 5.93  ? 4    GLN A CG  1 
ATOM   24  C CD  . GLN A 1 4  ? 7.321   5.520   7.270   1.00 9.35  ? 4    GLN A CD  1 
ATOM   25  O OE1 . GLN A 1 4  ? 8.016   4.947   8.122   1.00 11.65 ? 4    GLN A OE1 1 
ATOM   26  N NE2 . GLN A 1 4  ? 7.194   6.844   7.220   1.00 8.48  ? 4    GLN A NE2 1 
ATOM   27  N N   . ALA A 1 5  ? 5.619   3.133   3.441   1.00 3.04  ? 5    ALA A N   1 
ATOM   28  C CA  . ALA A 1 5  ? 6.220   2.903   2.126   1.00 3.01  ? 5    ALA A CA  1 
ATOM   29  C C   . ALA A 1 5  ? 7.731   3.151   2.141   1.00 3.09  ? 5    ALA A C   1 
ATOM   30  O O   . ALA A 1 5  ? 8.205   4.199   2.614   1.00 3.32  ? 5    ALA A O   1 
ATOM   31  C CB  . ALA A 1 5  ? 5.564   3.782   1.074   1.00 3.02  ? 5    ALA A CB  1 
ATOM   32  N N   . LEU A 1 6  ? 8.472   2.176   1.613   1.00 2.94  ? 6    LEU A N   1 
ATOM   33  C CA  . LEU A 1 6  ? 9.914   2.301   1.417   1.00 2.84  ? 6    LEU A CA  1 
ATOM   34  C C   . LEU A 1 6  ? 10.217  2.967   0.079   1.00 2.40  ? 6    LEU A C   1 
ATOM   35  O O   . LEU A 1 6  ? 11.305  3.522   -0.108  1.00 2.91  ? 6    LEU A O   1 
ATOM   36  C CB  . LEU A 1 6  ? 10.575  0.921   1.451   1.00 3.27  ? 6    LEU A CB  1 
ATOM   37  C CG  . LEU A 1 6  ? 10.660  0.221   2.811   1.00 4.74  ? 6    LEU A CG  1 
ATOM   38  C CD1 . LEU A 1 6  ? 11.020  -1.256  2.610   1.00 5.88  ? 6    LEU A CD1 1 
ATOM   39  C CD2 . LEU A 1 6  ? 11.654  0.911   3.711   1.00 6.11  ? 6    LEU A CD2 1 
ATOM   40  N N   . PHE A 1 7  ? 9.264   2.866   -0.845  1.00 2.44  ? 7    PHE A N   1 
ATOM   41  C CA  . PHE A 1 7  ? 9.383   3.408   -2.192  1.00 2.59  ? 7    PHE A CA  1 
ATOM   42  C C   . PHE A 1 7  ? 8.053   4.005   -2.630  1.00 2.75  ? 7    PHE A C   1 
ATOM   43  O O   . PHE A 1 7  ? 6.987   3.577   -2.170  1.00 2.29  ? 7    PHE A O   1 
ATOM   44  C CB  . PHE A 1 7  ? 9.726   2.300   -3.196  1.00 2.91  ? 7    PHE A CB  1 
ATOM   45  C CG  . PHE A 1 7  ? 11.067  1.662   -2.969  1.00 2.68  ? 7    PHE A CG  1 
ATOM   46  C CD1 . PHE A 1 7  ? 11.200  0.589   -2.094  1.00 3.76  ? 7    PHE A CD1 1 
ATOM   47  C CD2 . PHE A 1 7  ? 12.192  2.136   -3.629  1.00 3.66  ? 7    PHE A CD2 1 
ATOM   48  C CE1 . PHE A 1 7  ? 12.452  -0.004  -1.875  1.00 2.55  ? 7    PHE A CE1 1 
ATOM   49  C CE2 . PHE A 1 7  ? 13.446  1.567   -3.410  1.00 4.36  ? 7    PHE A CE2 1 
ATOM   50  C CZ  . PHE A 1 7  ? 13.570  0.486   -2.543  1.00 3.58  ? 7    PHE A CZ  1 
ATOM   51  N N   . ASP A 1 8  ? 8.129   4.971   -3.543  1.00 3.02  ? 8    ASP A N   1 
ATOM   52  C CA  . ASP A 1 8  ? 6.945   5.405   -4.283  1.00 3.40  ? 8    ASP A CA  1 
ATOM   53  C C   . ASP A 1 8  ? 6.365   4.229   -5.045  1.00 3.40  ? 8    ASP A C   1 
ATOM   54  O O   . ASP A 1 8  ? 7.113   3.465   -5.673  1.00 4.72  ? 8    ASP A O   1 
ATOM   55  C CB  . ASP A 1 8  ? 7.302   6.476   -5.318  1.00 3.55  ? 8    ASP A CB  1 
ATOM   56  C CG  . ASP A 1 8  ? 7.913   7.732   -4.698  1.00 5.00  ? 8    ASP A CG  1 
ATOM   57  O OD1 . ASP A 1 8  ? 7.587   8.086   -3.551  1.00 6.21  ? 8    ASP A OD1 1 
ATOM   58  O OD2 . ASP A 1 8  ? 8.734   8.372   -5.383  1.00 6.42  ? 8    ASP A OD2 1 
ATOM   59  N N   . PHE A 1 9  ? 5.042   4.100   -5.005  1.00 3.16  ? 9    PHE A N   1 
ATOM   60  C CA  . PHE A 1 9  ? 4.344   3.131   -5.841  1.00 3.16  ? 9    PHE A CA  1 
ATOM   61  C C   . PHE A 1 9  ? 3.452   3.870   -6.828  1.00 3.35  ? 9    PHE A C   1 
ATOM   62  O O   . PHE A 1 9  ? 2.533   4.587   -6.429  1.00 3.66  ? 9    PHE A O   1 
ATOM   63  C CB  . PHE A 1 9  ? 3.541   2.118   -5.012  1.00 3.20  ? 9    PHE A CB  1 
ATOM   64  C CG  . PHE A 1 9  ? 2.694   1.209   -5.854  1.00 3.00  ? 9    PHE A CG  1 
ATOM   65  C CD1 . PHE A 1 9  ? 1.316   1.196   -5.699  1.00 3.27  ? 9    PHE A CD1 1 
ATOM   66  C CD2 . PHE A 1 9  ? 3.273   0.395   -6.827  1.00 3.78  ? 9    PHE A CD2 1 
ATOM   67  C CE1 . PHE A 1 9  ? 0.521   0.371   -6.486  1.00 3.68  ? 9    PHE A CE1 1 
ATOM   68  C CE2 . PHE A 1 9  ? 2.481   -0.429  -7.631  1.00 4.63  ? 9    PHE A CE2 1 
ATOM   69  C CZ  . PHE A 1 9  ? 1.103   -0.445  -7.445  1.00 3.36  ? 9    PHE A CZ  1 
ATOM   70  N N   . ASP A 1 10 ? 3.761   3.703   -8.114  1.00 4.23  ? 10   ASP A N   1 
ATOM   71  C CA  . ASP A 1 10 ? 3.015   4.351   -9.183  1.00 4.69  ? 10   ASP A CA  1 
ATOM   72  C C   . ASP A 1 10 ? 1.918   3.386   -9.664  1.00 5.18  ? 10   ASP A C   1 
ATOM   73  O O   . ASP A 1 10 ? 2.222   2.381   -10.309 1.00 5.12  ? 10   ASP A O   1 
ATOM   74  C CB  . ASP A 1 10 ? 3.947   4.697   -10.357 1.00 5.05  ? 10   ASP A CB  1 
ATOM   75  C CG  . ASP A 1 10 ? 5.090   5.619   -9.955  1.00 6.85  ? 10   ASP A CG  1 
ATOM   76  O OD1 . ASP A 1 10 ? 4.833   6.619   -9.245  1.00 7.65  ? 10   ASP A OD1 1 
ATOM   77  O OD2 . ASP A 1 10 ? 6.231   5.315   -10.360 1.00 9.33  ? 10   ASP A OD2 1 
ATOM   78  N N   . PRO A 1 11 ? 0.645   3.699   -9.364  1.00 5.68  ? 11   PRO A N   1 
ATOM   79  C CA  . PRO A 1 11 ? -0.438  2.775   -9.729  1.00 5.93  ? 11   PRO A CA  1 
ATOM   80  C C   . PRO A 1 11 ? -0.652  2.769   -11.248 1.00 6.49  ? 11   PRO A C   1 
ATOM   81  O O   . PRO A 1 11 ? -0.580  3.828   -11.883 1.00 7.23  ? 11   PRO A O   1 
ATOM   82  C CB  . PRO A 1 11 ? -1.648  3.348   -8.987  1.00 6.78  ? 11   PRO A CB  1 
ATOM   83  C CG  . PRO A 1 11 ? -1.369  4.791   -8.879  1.00 5.94  ? 11   PRO A CG  1 
ATOM   84  C CD  . PRO A 1 11 ? 0.129   4.933   -8.736  1.00 5.93  ? 11   PRO A CD  1 
ATOM   85  N N   . GLN A 1 12 ? -0.887  1.592   -11.825 1.00 6.33  ? 12   GLN A N   1 
ATOM   86  C CA  . GLN A 1 12 ? -1.004  1.471   -13.283 1.00 6.83  ? 12   GLN A CA  1 
ATOM   87  C C   . GLN A 1 12 ? -2.413  1.151   -13.741 1.00 7.04  ? 12   GLN A C   1 
ATOM   88  O O   . GLN A 1 12 ? -2.711  1.224   -14.935 1.00 7.29  ? 12   GLN A O   1 
ATOM   89  C CB  . GLN A 1 12 ? -0.029  0.437   -13.843 1.00 6.87  ? 12   GLN A CB  1 
ATOM   90  C CG  . GLN A 1 12 ? 1.443   0.743   -13.570 1.00 7.56  ? 12   GLN A CG  1 
ATOM   91  C CD  . GLN A 1 12 ? 1.877   2.092   -14.120 1.00 7.30  ? 12   GLN A CD  1 
ATOM   92  O OE1 . GLN A 1 12 ? 1.593   2.428   -15.269 1.00 7.99  ? 12   GLN A OE1 1 
ATOM   93  N NE2 . GLN A 1 12 ? 2.577   2.873   -13.301 1.00 6.62  ? 12   GLN A NE2 1 
ATOM   94  N N   . GLU A 1 13 ? -3.284  0.809   -12.804 1.00 7.23  ? 13   GLU A N   1 
ATOM   95  C CA  . GLU A 1 13 ? -4.687  0.666   -13.157 1.00 7.22  ? 13   GLU A CA  1 
ATOM   96  C C   . GLU A 1 13 ? -5.606  0.983   -11.993 1.00 7.56  ? 13   GLU A C   1 
ATOM   97  O O   . GLU A 1 13 ? -5.191  0.998   -10.831 1.00 6.23  ? 13   GLU A O   1 
ATOM   98  C CB  . GLU A 1 13 ? -4.986  -0.736  -13.710 1.00 7.53  ? 13   GLU A CB  1 
ATOM   99  C CG  . GLU A 1 13 ? -5.138  -1.812  -12.643 1.00 7.81  ? 13   GLU A CG  1 
ATOM   100 C CD  . GLU A 1 13 ? -5.525  -3.171  -13.200 1.00 7.84  ? 13   GLU A CD  1 
ATOM   101 O OE1 . GLU A 1 13 ? -6.081  -3.981  -12.427 1.00 7.69  ? 13   GLU A OE1 1 
ATOM   102 O OE2 . GLU A 1 13 ? -5.265  -3.446  -14.393 1.00 8.68  ? 13   GLU A OE2 1 
ATOM   103 N N   . ASP A 1 14 ? -6.850  1.251   -12.319 1.00 7.47  ? 14   ASP A N   1 
ATOM   104 C CA  A ASP A 1 14 ? -7.869  1.447   -11.365 0.50 7.64  ? 14   ASP A CA  1 
ATOM   105 C CA  B ASP A 1 14 ? -7.891  1.453   -11.372 0.50 7.71  ? 14   ASP A CA  1 
ATOM   106 C C   . ASP A 1 14 ? -7.926  0.319   -10.400 1.00 7.41  ? 14   ASP A C   1 
ATOM   107 O O   . ASP A 1 14 ? -8.013  -0.775  -10.795 1.00 7.64  ? 14   ASP A O   1 
ATOM   108 C CB  A ASP A 1 14 ? -9.252  1.603   -12.047 0.50 7.86  ? 14   ASP A CB  1 
ATOM   109 C CB  B ASP A 1 14 ? -9.204  1.316   -12.132 0.50 8.19  ? 14   ASP A CB  1 
ATOM   110 C CG  A ASP A 1 14 ? -9.913  2.917   -11.704 0.50 10.17 ? 14   ASP A CG  1 
ATOM   111 C CG  B ASP A 1 14 ? -10.127 2.409   -11.990 0.50 10.08 ? 14   ASP A CG  1 
ATOM   112 O OD1 A ASP A 1 14 ? -10.462 3.641   -12.560 0.50 11.39 ? 14   ASP A OD1 1 
ATOM   113 O OD1 B ASP A 1 14 ? -9.780  3.586   -12.163 0.50 12.25 ? 14   ASP A OD1 1 
ATOM   114 O OD2 A ASP A 1 14 ? -9.889  3.227   -10.526 0.50 10.51 ? 14   ASP A OD2 1 
ATOM   115 O OD2 B ASP A 1 14 ? -11.316 2.031   -11.956 0.50 9.25  ? 14   ASP A OD2 1 
ATOM   116 N N   . GLY A 1 15 ? -7.915  0.646   -9.129  1.00 7.09  ? 15   GLY A N   1 
ATOM   117 C CA  . GLY A 1 15 ? -7.938  -0.386  -8.085  1.00 6.97  ? 15   GLY A CA  1 
ATOM   118 C C   . GLY A 1 15 ? -6.577  -0.646  -7.456  1.00 6.58  ? 15   GLY A C   1 
ATOM   119 O O   . GLY A 1 15 ? -6.485  -1.348  -6.449  1.00 6.91  ? 15   GLY A O   1 
ATOM   120 N N   . GLU A 1 16 ? -5.523  -0.102  -8.060  1.00 5.98  ? 16   GLU A N   1 
ATOM   121 C CA  . GLU A 1 16 ? -4.214  -0.067  -7.423  1.00 5.80  ? 16   GLU A CA  1 
ATOM   122 C C   . GLU A 1 16 ? -4.077  1.192   -6.591  1.00 5.55  ? 16   GLU A C   1 
ATOM   123 O O   . GLU A 1 16 ? -4.443  2.297   -7.012  1.00 5.80  ? 16   GLU A O   1 
ATOM   124 C CB  . GLU A 1 16 ? -3.083  -0.189  -8.457  1.00 5.77  ? 16   GLU A CB  1 
ATOM   125 C CG  . GLU A 1 16 ? -3.015  -1.578  -9.066  1.00 6.26  ? 16   GLU A CG  1 
ATOM   126 C CD  . GLU A 1 16 ? -1.966  -1.749  -10.163 1.00 7.06  ? 16   GLU A CD  1 
ATOM   127 O OE1 . GLU A 1 16 ? -1.128  -0.846  -10.376 1.00 7.71  ? 16   GLU A OE1 1 
ATOM   128 O OE2 . GLU A 1 16 ? -1.997  -2.819  -10.827 1.00 9.02  ? 16   GLU A OE2 1 
ATOM   129 N N   . LEU A 1 17 ? -3.549  0.993   -5.390  1.00 4.51  ? 17   LEU A N   1 
ATOM   130 C CA  . LEU A 1 17 ? -3.425  2.049   -4.397  1.00 4.52  ? 17   LEU A CA  1 
ATOM   131 C C   . LEU A 1 17 ? -2.084  2.762   -4.489  1.00 4.62  ? 17   LEU A C   1 
ATOM   132 O O   . LEU A 1 17 ? -1.074  2.244   -3.997  1.00 4.70  ? 17   LEU A O   1 
ATOM   133 C CB  . LEU A 1 17 ? -3.588  1.437   -3.004  1.00 4.86  ? 17   LEU A CB  1 
ATOM   134 C CG  . LEU A 1 17 ? -3.583  2.446   -1.860  1.00 4.70  ? 17   LEU A CG  1 
ATOM   135 C CD1 . LEU A 1 17 ? -4.916  3.194   -1.808  1.00 5.05  ? 17   LEU A CD1 1 
ATOM   136 C CD2 . LEU A 1 17 ? -3.301  1.723   -0.550  1.00 5.27  ? 17   LEU A CD2 1 
ATOM   137 N N   . GLY A 1 18 ? -2.070  3.956   -5.088  1.00 4.63  ? 18   GLY A N   1 
ATOM   138 C CA  . GLY A 1 18 ? -0.828  4.726   -5.179  1.00 4.46  ? 18   GLY A CA  1 
ATOM   139 C C   . GLY A 1 18 ? -0.394  5.324   -3.853  1.00 4.00  ? 18   GLY A C   1 
ATOM   140 O O   . GLY A 1 18 ? -1.215  5.620   -2.983  1.00 4.74  ? 18   GLY A O   1 
ATOM   141 N N   . PHE A 1 19 ? 0.917   5.486   -3.694  1.00 3.63  ? 19   PHE A N   1 
ATOM   142 C CA  . PHE A 1 19 ? 1.472   6.178   -2.529  1.00 2.63  ? 19   PHE A CA  1 
ATOM   143 C C   . PHE A 1 19 ? 2.899   6.634   -2.801  1.00 3.04  ? 19   PHE A C   1 
ATOM   144 O O   . PHE A 1 19 ? 3.526   6.196   -3.776  1.00 2.73  ? 19   PHE A O   1 
ATOM   145 C CB  . PHE A 1 19 ? 1.389   5.313   -1.241  1.00 2.83  ? 19   PHE A CB  1 
ATOM   146 C CG  . PHE A 1 19 ? 1.939   3.901   -1.382  1.00 3.60  ? 19   PHE A CG  1 
ATOM   147 C CD1 . PHE A 1 19 ? 1.075   2.803   -1.397  1.00 4.86  ? 19   PHE A CD1 1 
ATOM   148 C CD2 . PHE A 1 19 ? 3.308   3.670   -1.456  1.00 2.66  ? 19   PHE A CD2 1 
ATOM   149 C CE1 . PHE A 1 19 ? 1.579   1.496   -1.499  1.00 4.94  ? 19   PHE A CE1 1 
ATOM   150 C CE2 . PHE A 1 19 ? 3.825   2.370   -1.556  1.00 4.31  ? 19   PHE A CE2 1 
ATOM   151 C CZ  . PHE A 1 19 ? 2.950   1.279   -1.572  1.00 3.98  ? 19   PHE A CZ  1 
ATOM   152 N N   . ARG A 1 20 ? 3.394   7.508   -1.929  1.00 2.93  ? 20   ARG A N   1 
ATOM   153 C CA  . ARG A 1 20 ? 4.769   7.990   -1.997  1.00 3.30  ? 20   ARG A CA  1 
ATOM   154 C C   . ARG A 1 20 ? 5.580   7.362   -0.885  1.00 3.39  ? 20   ARG A C   1 
ATOM   155 O O   . ARG A 1 20 ? 5.048   7.000   0.168   1.00 3.41  ? 20   ARG A O   1 
ATOM   156 C CB  . ARG A 1 20 ? 4.826   9.521   -1.869  1.00 3.41  ? 20   ARG A CB  1 
ATOM   157 C CG  . ARG A 1 20 ? 3.997   10.313  -2.878  1.00 4.42  ? 20   ARG A CG  1 
ATOM   158 C CD  . ARG A 1 20 ? 4.522   10.246  -4.291  1.00 4.50  ? 20   ARG A CD  1 
ATOM   159 N NE  . ARG A 1 20 ? 4.085   9.020   -4.953  1.00 5.24  ? 20   ARG A NE  1 
ATOM   160 C CZ  . ARG A 1 20 ? 4.536   8.598   -6.125  1.00 5.23  ? 20   ARG A CZ  1 
ATOM   161 N NH1 . ARG A 1 20 ? 4.075   7.452   -6.618  1.00 2.84  ? 20   ARG A NH1 1 
ATOM   162 N NH2 . ARG A 1 20 ? 5.430   9.319   -6.799  1.00 7.15  ? 20   ARG A NH2 1 
ATOM   163 N N   . ARG A 1 21 ? 6.877   7.253   -1.121  1.00 4.13  ? 21   ARG A N   1 
ATOM   164 C CA  . ARG A 1 21 ? 7.818   6.871   -0.076  1.00 5.16  ? 21   ARG A CA  1 
ATOM   165 C C   . ARG A 1 21 ? 7.519   7.636   1.216   1.00 4.61  ? 21   ARG A C   1 
ATOM   166 O O   . ARG A 1 21 ? 7.321   8.856   1.189   1.00 4.87  ? 21   ARG A O   1 
ATOM   167 C CB  . ARG A 1 21 ? 9.230   7.196   -0.540  1.00 5.55  ? 21   ARG A CB  1 
ATOM   168 C CG  . ARG A 1 21 ? 10.298  6.653   0.372   1.00 9.43  ? 21   ARG A CG  1 
ATOM   169 C CD  . ARG A 1 21 ? 11.495  7.568   0.445   1.00 16.54 ? 21   ARG A CD  1 
ATOM   170 N NE  . ARG A 1 21 ? 11.426  8.383   1.649   1.00 22.01 ? 21   ARG A NE  1 
ATOM   171 C CZ  . ARG A 1 21 ? 11.118  9.674   1.684   1.00 26.37 ? 21   ARG A CZ  1 
ATOM   172 N NH1 . ARG A 1 21 ? 10.838  10.345  0.564   1.00 29.04 ? 21   ARG A NH1 1 
ATOM   173 N NH2 . ARG A 1 21 ? 11.092  10.297  2.858   1.00 28.27 ? 21   ARG A NH2 1 
ATOM   174 N N   . GLY A 1 22 ? 7.454   6.909   2.332   1.00 4.46  ? 22   GLY A N   1 
ATOM   175 C CA  . GLY A 1 22 ? 7.206   7.529   3.636   1.00 4.56  ? 22   GLY A CA  1 
ATOM   176 C C   . GLY A 1 22 ? 5.727   7.586   4.021   1.00 4.27  ? 22   GLY A C   1 
ATOM   177 O O   . GLY A 1 22 ? 5.397   7.861   5.177   1.00 5.02  ? 22   GLY A O   1 
ATOM   178 N N   . ASP A 1 23 ? 4.837   7.351   3.065   1.00 3.80  ? 23   ASP A N   1 
ATOM   179 C CA  . ASP A 1 23 ? 3.400   7.335   3.374   1.00 3.30  ? 23   ASP A CA  1 
ATOM   180 C C   . ASP A 1 23 ? 3.040   6.164   4.280   1.00 3.51  ? 23   ASP A C   1 
ATOM   181 O O   . ASP A 1 23 ? 3.695   5.120   4.251   1.00 3.42  ? 23   ASP A O   1 
ATOM   182 C CB  . ASP A 1 23 ? 2.566   7.234   2.095   1.00 3.49  ? 23   ASP A CB  1 
ATOM   183 C CG  . ASP A 1 23 ? 2.514   8.547   1.314   1.00 3.01  ? 23   ASP A CG  1 
ATOM   184 O OD1 . ASP A 1 23 ? 3.032   9.583   1.807   1.00 6.25  ? 23   ASP A OD1 1 
ATOM   185 O OD2 . ASP A 1 23 ? 1.942   8.537   0.207   1.00 4.67  ? 23   ASP A OD2 1 
ATOM   186 N N   . PHE A 1 24 ? 1.993   6.351   5.073   1.00 2.89  ? 24   PHE A N   1 
ATOM   187 C CA  . PHE A 1 24 ? 1.437   5.286   5.900   1.00 3.12  ? 24   PHE A CA  1 
ATOM   188 C C   . PHE A 1 24 ? 0.212   4.688   5.245   1.00 3.24  ? 24   PHE A C   1 
ATOM   189 O O   . PHE A 1 24 ? -0.707  5.412   4.840   1.00 4.75  ? 24   PHE A O   1 
ATOM   190 C CB  . PHE A 1 24 ? 1.094   5.822   7.295   1.00 3.43  ? 24   PHE A CB  1 
ATOM   191 C CG  . PHE A 1 24 ? 2.303   6.096   8.137   1.00 4.21  ? 24   PHE A CG  1 
ATOM   192 C CD1 . PHE A 1 24 ? 2.887   5.086   8.901   1.00 5.41  ? 24   PHE A CD1 1 
ATOM   193 C CD2 . PHE A 1 24 ? 2.872   7.365   8.155   1.00 6.69  ? 24   PHE A CD2 1 
ATOM   194 C CE1 . PHE A 1 24 ? 4.033   5.346   9.668   1.00 6.51  ? 24   PHE A CE1 1 
ATOM   195 C CE2 . PHE A 1 24 ? 4.005   7.632   8.925   1.00 6.66  ? 24   PHE A CE2 1 
ATOM   196 C CZ  . PHE A 1 24 ? 4.583   6.628   9.678   1.00 6.51  ? 24   PHE A CZ  1 
ATOM   197 N N   . ILE A 1 25 ? 0.207   3.362   5.146   1.00 2.94  ? 25   ILE A N   1 
ATOM   198 C CA  . ILE A 1 25 ? -0.883  2.633   4.522   1.00 2.73  ? 25   ILE A CA  1 
ATOM   199 C C   . ILE A 1 25 ? -1.515  1.739   5.581   1.00 3.04  ? 25   ILE A C   1 
ATOM   200 O O   . ILE A 1 25 ? -0.829  0.910   6.193   1.00 3.36  ? 25   ILE A O   1 
ATOM   201 C CB  . ILE A 1 25 ? -0.400  1.773   3.320   1.00 3.18  ? 25   ILE A CB  1 
ATOM   202 C CG1 . ILE A 1 25 ? 0.234   2.652   2.232   1.00 3.19  ? 25   ILE A CG1 1 
ATOM   203 C CG2 . ILE A 1 25 ? -1.575  0.956   2.730   1.00 4.13  ? 25   ILE A CG2 1 
ATOM   204 C CD1 . ILE A 1 25 ? 1.721   2.784   2.322   1.00 4.84  ? 25   ILE A CD1 1 
ATOM   205 N N   . HIS A 1 26 ? -2.817  1.929   5.813   1.00 2.74  ? 26   HIS A N   1 
ATOM   206 C CA  . HIS A 1 26 ? -3.565  1.022   6.683   1.00 3.27  ? 26   HIS A CA  1 
ATOM   207 C C   . HIS A 1 26 ? -3.839  -0.294  5.958   1.00 3.58  ? 26   HIS A C   1 
ATOM   208 O O   . HIS A 1 26 ? -4.471  -0.304  4.915   1.00 3.71  ? 26   HIS A O   1 
ATOM   209 C CB  . HIS A 1 26 ? -4.886  1.662   7.121   1.00 3.80  ? 26   HIS A CB  1 
ATOM   210 C CG  . HIS A 1 26 ? -5.812  0.703   7.796   1.00 4.91  ? 26   HIS A CG  1 
ATOM   211 N ND1 . HIS A 1 26 ? -5.604  0.258   9.084   1.00 6.11  ? 26   HIS A ND1 1 
ATOM   212 C CD2 . HIS A 1 26 ? -6.943  0.094   7.363   1.00 6.03  ? 26   HIS A CD2 1 
ATOM   213 C CE1 . HIS A 1 26 ? -6.567  -0.586  9.417   1.00 7.01  ? 26   HIS A CE1 1 
ATOM   214 N NE2 . HIS A 1 26 ? -7.391  -0.705  8.389   1.00 6.41  ? 26   HIS A NE2 1 
ATOM   215 N N   . VAL A 1 27 ? -3.357  -1.400  6.522   1.00 3.46  ? 27   VAL A N   1 
ATOM   216 C CA  . VAL A 1 27 ? -3.540  -2.713  5.910   1.00 3.63  ? 27   VAL A CA  1 
ATOM   217 C C   . VAL A 1 27 ? -4.943  -3.260  6.166   1.00 4.08  ? 27   VAL A C   1 
ATOM   218 O O   . VAL A 1 27 ? -5.465  -3.195  7.290   1.00 3.97  ? 27   VAL A O   1 
ATOM   219 C CB  . VAL A 1 27 ? -2.454  -3.711  6.382   1.00 4.12  ? 27   VAL A CB  1 
ATOM   220 C CG1 . VAL A 1 27 ? -2.646  -5.078  5.730   1.00 4.53  ? 27   VAL A CG1 1 
ATOM   221 C CG2 . VAL A 1 27 ? -1.075  -3.174  6.039   1.00 4.44  ? 27   VAL A CG2 1 
ATOM   222 N N   . MET A 1 28 ? -5.552  -3.799  5.111   1.00 4.41  ? 28   MET A N   1 
ATOM   223 C CA  . MET A 1 28 ? -6.885  -4.387  5.212   1.00 5.03  ? 28   MET A CA  1 
ATOM   224 C C   . MET A 1 28 ? -6.897  -5.885  4.935   1.00 4.82  ? 28   MET A C   1 
ATOM   225 O O   . MET A 1 28 ? -7.769  -6.603  5.440   1.00 5.75  ? 28   MET A O   1 
ATOM   226 C CB  . MET A 1 28 ? -7.861  -3.656  4.278   1.00 5.37  ? 28   MET A CB  1 
ATOM   227 C CG  . MET A 1 28 ? -8.075  -2.206  4.675   1.00 5.51  ? 28   MET A CG  1 
ATOM   228 S SD  . MET A 1 28 ? -8.804  -1.195  3.376   1.00 7.90  ? 28   MET A SD  1 
ATOM   229 C CE  . MET A 1 28 ? -10.542 -1.539  3.628   1.00 10.10 ? 28   MET A CE  1 
ATOM   230 N N   . ASP A 1 29 ? -5.946  -6.356  4.127   1.00 4.45  ? 29   ASP A N   1 
ATOM   231 C CA  . ASP A 1 29 ? -5.804  -7.793  3.855   1.00 4.90  ? 29   ASP A CA  1 
ATOM   232 C C   . ASP A 1 29 ? -4.357  -8.116  3.510   1.00 4.60  ? 29   ASP A C   1 
ATOM   233 O O   . ASP A 1 29 ? -3.877  -7.754  2.443   1.00 5.99  ? 29   ASP A O   1 
ATOM   234 C CB  . ASP A 1 29 ? -6.736  -8.231  2.718   1.00 5.10  ? 29   ASP A CB  1 
ATOM   235 C CG  . ASP A 1 29 ? -6.665  -9.726  2.438   1.00 6.62  ? 29   ASP A CG  1 
ATOM   236 O OD1 . ASP A 1 29 ? -6.039  -10.484 3.218   1.00 7.73  ? 29   ASP A OD1 1 
ATOM   237 O OD2 . ASP A 1 29 ? -7.257  -10.147 1.428   1.00 8.57  ? 29   ASP A OD2 1 
ATOM   238 N N   . ASN A 1 30 ? -3.672  -8.792  4.426   1.00 3.84  ? 30   ASN A N   1 
ATOM   239 C CA  . ASN A 1 30 ? -2.272  -9.167  4.240   1.00 4.58  ? 30   ASN A CA  1 
ATOM   240 C C   . ASN A 1 30 ? -2.074  -10.642 3.873   1.00 5.12  ? 30   ASN A C   1 
ATOM   241 O O   . ASN A 1 30 ? -0.963  -11.164 3.980   1.00 5.71  ? 30   ASN A O   1 
ATOM   242 C CB  . ASN A 1 30 ? -1.476  -8.830  5.509   1.00 4.13  ? 30   ASN A CB  1 
ATOM   243 C CG  . ASN A 1 30 ? -1.874  -9.694  6.714   1.00 4.49  ? 30   ASN A CG  1 
ATOM   244 O OD1 . ASN A 1 30 ? -2.474  -10.767 6.565   1.00 6.61  ? 30   ASN A OD1 1 
ATOM   245 N ND2 . ASN A 1 30 ? -1.519  -9.236  7.913   1.00 6.09  ? 30   ASN A ND2 1 
ATOM   246 N N   . SER A 1 31 ? -3.143  -11.302 3.429   1.00 6.05  ? 31   SER A N   1 
ATOM   247 C CA  . SER A 1 31 ? -3.108  -12.760 3.227   1.00 6.99  ? 31   SER A CA  1 
ATOM   248 C C   . SER A 1 31 ? -2.289  -13.243 2.024   1.00 7.47  ? 31   SER A C   1 
ATOM   249 O O   . SER A 1 31 ? -1.713  -14.334 2.069   1.00 7.65  ? 31   SER A O   1 
ATOM   250 C CB  . SER A 1 31 ? -4.532  -13.334 3.162   1.00 7.45  ? 31   SER A CB  1 
ATOM   251 O OG  . SER A 1 31 ? -5.234  -12.843 2.022   1.00 8.49  ? 31   SER A OG  1 
ATOM   252 N N   . ASP A 1 32 ? -2.247  -12.452 0.956   1.00 7.31  ? 32   ASP A N   1 
ATOM   253 C CA  . ASP A 1 32 ? -1.503  -12.843 -0.251  1.00 8.22  ? 32   ASP A CA  1 
ATOM   254 C C   . ASP A 1 32 ? -0.048  -12.452 -0.061  1.00 8.72  ? 32   ASP A C   1 
ATOM   255 O O   . ASP A 1 32 ? 0.226   -11.401 0.507   1.00 8.85  ? 32   ASP A O   1 
ATOM   256 C CB  . ASP A 1 32 ? -2.063  -12.159 -1.500  1.00 8.56  ? 32   ASP A CB  1 
ATOM   257 C CG  . ASP A 1 32 ? -1.363  -12.619 -2.792  1.00 10.09 ? 32   ASP A CG  1 
ATOM   258 O OD1 . ASP A 1 32 ? -1.720  -13.700 -3.310  1.00 12.35 ? 32   ASP A OD1 1 
ATOM   259 O OD2 . ASP A 1 32 ? -0.461  -11.907 -3.305  1.00 11.94 ? 32   ASP A OD2 1 
ATOM   260 N N   . PRO A 1 33 ? 0.896   -13.286 -0.532  1.00 9.28  ? 33   PRO A N   1 
ATOM   261 C CA  . PRO A 1 33 ? 2.294   -12.966 -0.275  1.00 9.52  ? 33   PRO A CA  1 
ATOM   262 C C   . PRO A 1 33 ? 2.805   -11.735 -1.013  1.00 9.18  ? 33   PRO A C   1 
ATOM   263 O O   . PRO A 1 33 ? 3.801   -11.162 -0.582  1.00 10.17 ? 33   PRO A O   1 
ATOM   264 C CB  . PRO A 1 33 ? 3.038   -14.219 -0.763  1.00 10.00 ? 33   PRO A CB  1 
ATOM   265 C CG  . PRO A 1 33 ? 2.154   -14.815 -1.772  1.00 9.88  ? 33   PRO A CG  1 
ATOM   266 C CD  . PRO A 1 33 ? 0.752   -14.560 -1.267  1.00 9.51  ? 33   PRO A CD  1 
ATOM   267 N N   . ASN A 1 34 ? 2.147   -11.333 -2.101  1.00 8.31  ? 34   ASN A N   1 
ATOM   268 C CA  . ASN A 1 34 ? 2.696   -10.288 -2.965  1.00 8.78  ? 34   ASN A CA  1 
ATOM   269 C C   . ASN A 1 34 ? 1.868   -9.019  -3.106  1.00 8.16  ? 34   ASN A C   1 
ATOM   270 O O   . ASN A 1 34 ? 2.432   -7.942  -3.236  1.00 6.97  ? 34   ASN A O   1 
ATOM   271 C CB  . ASN A 1 34 ? 3.008   -10.845 -4.353  1.00 9.62  ? 34   ASN A CB  1 
ATOM   272 C CG  . ASN A 1 34 ? 3.920   -12.055 -4.297  1.00 11.84 ? 34   ASN A CG  1 
ATOM   273 O OD1 . ASN A 1 34 ? 3.612   -13.110 -4.859  1.00 15.98 ? 34   ASN A OD1 1 
ATOM   274 N ND2 . ASN A 1 34 ? 5.024   -11.922 -3.577  1.00 11.92 ? 34   ASN A ND2 1 
ATOM   275 N N   . TRP A 1 35 ? 0.545   -9.156  -3.112  1.00 7.63  ? 35   TRP A N   1 
ATOM   276 C CA  . TRP A 1 35 ? -0.345  -8.011  -3.271  1.00 8.10  ? 35   TRP A CA  1 
ATOM   277 C C   . TRP A 1 35 ? -1.294  -7.907  -2.098  1.00 6.22  ? 35   TRP A C   1 
ATOM   278 O O   . TRP A 1 35 ? -2.027  -8.849  -1.794  1.00 5.48  ? 35   TRP A O   1 
ATOM   279 C CB  . TRP A 1 35 ? -1.093  -8.085  -4.607  1.00 10.55 ? 35   TRP A CB  1 
ATOM   280 C CG  . TRP A 1 35 ? -0.181  -7.754  -5.748  1.00 13.03 ? 35   TRP A CG  1 
ATOM   281 C CD1 . TRP A 1 35 ? 0.679   -8.606  -6.375  1.00 14.75 ? 35   TRP A CD1 1 
ATOM   282 C CD2 . TRP A 1 35 ? -0.002  -6.471  -6.367  1.00 14.02 ? 35   TRP A CD2 1 
ATOM   283 N NE1 . TRP A 1 35 ? 1.368   -7.946  -7.373  1.00 16.64 ? 35   TRP A NE1 1 
ATOM   284 C CE2 . TRP A 1 35 ? 0.970   -6.633  -7.386  1.00 15.93 ? 35   TRP A CE2 1 
ATOM   285 C CE3 . TRP A 1 35 ? -0.580  -5.211  -6.174  1.00 15.16 ? 35   TRP A CE3 1 
ATOM   286 C CZ2 . TRP A 1 35 ? 1.388   -5.577  -8.203  1.00 15.27 ? 35   TRP A CZ2 1 
ATOM   287 C CZ3 . TRP A 1 35 ? -0.175  -4.161  -6.994  1.00 14.70 ? 35   TRP A CZ3 1 
ATOM   288 C CH2 . TRP A 1 35 ? 0.808   -4.351  -7.996  1.00 15.17 ? 35   TRP A CH2 1 
ATOM   289 N N   . TRP A 1 36 ? -1.252  -6.753  -1.440  1.00 4.81  ? 36   TRP A N   1 
ATOM   290 C CA  . TRP A 1 36 ? -2.032  -6.493  -0.231  1.00 3.52  ? 36   TRP A CA  1 
ATOM   291 C C   . TRP A 1 36 ? -3.094  -5.439  -0.497  1.00 3.77  ? 36   TRP A C   1 
ATOM   292 O O   . TRP A 1 36 ? -2.930  -4.580  -1.374  1.00 4.21  ? 36   TRP A O   1 
ATOM   293 C CB  . TRP A 1 36 ? -1.109  -6.001  0.893   1.00 3.25  ? 36   TRP A CB  1 
ATOM   294 C CG  . TRP A 1 36 ? -0.310  -7.105  1.538   1.00 3.45  ? 36   TRP A CG  1 
ATOM   295 C CD1 . TRP A 1 36 ? -0.142  -8.388  1.076   1.00 4.22  ? 36   TRP A CD1 1 
ATOM   296 C CD2 . TRP A 1 36 ? 0.448   -7.011  2.750   1.00 3.52  ? 36   TRP A CD2 1 
ATOM   297 N NE1 . TRP A 1 36 ? 0.661   -9.104  1.947   1.00 4.70  ? 36   TRP A NE1 1 
ATOM   298 C CE2 . TRP A 1 36 ? 1.029   -8.281  2.980   1.00 3.61  ? 36   TRP A CE2 1 
ATOM   299 C CE3 . TRP A 1 36 ? 0.682   -5.979  3.674   1.00 4.32  ? 36   TRP A CE3 1 
ATOM   300 C CZ2 . TRP A 1 36 ? 1.828   -8.545  4.101   1.00 4.47  ? 36   TRP A CZ2 1 
ATOM   301 C CZ3 . TRP A 1 36 ? 1.460   -6.246  4.789   1.00 4.72  ? 36   TRP A CZ3 1 
ATOM   302 C CH2 . TRP A 1 36 ? 2.032   -7.515  4.987   1.00 4.04  ? 36   TRP A CH2 1 
ATOM   303 N N   . LYS A 1 37 ? -4.174  -5.517  0.279   1.00 2.91  ? 37   LYS A N   1 
ATOM   304 C CA  . LYS A 1 37 ? -5.244  -4.519  0.246   1.00 3.56  ? 37   LYS A CA  1 
ATOM   305 C C   . LYS A 1 37 ? -4.974  -3.525  1.352   1.00 3.35  ? 37   LYS A C   1 
ATOM   306 O O   . LYS A 1 37 ? -4.645  -3.914  2.474   1.00 4.03  ? 37   LYS A O   1 
ATOM   307 C CB  . LYS A 1 37 ? -6.614  -5.184  0.441   1.00 3.85  ? 37   LYS A CB  1 
ATOM   308 C CG  . LYS A 1 37 ? -7.790  -4.206  0.272   1.00 4.11  ? 37   LYS A CG  1 
ATOM   309 C CD  . LYS A 1 37 ? -9.095  -4.797  0.834   1.00 4.54  ? 37   LYS A CD  1 
ATOM   310 C CE  . LYS A 1 37 ? -10.274 -3.830  0.648   1.00 7.19  ? 37   LYS A CE  1 
ATOM   311 N NZ  . LYS A 1 37 ? -11.531 -4.385  1.248   1.00 10.11 ? 37   LYS A NZ  1 
ATOM   312 N N   . GLY A 1 38 ? -5.090  -2.238  1.030   1.00 3.76  ? 38   GLY A N   1 
ATOM   313 C CA  . GLY A 1 38 ? -4.876  -1.205  2.044   1.00 3.64  ? 38   GLY A CA  1 
ATOM   314 C C   . GLY A 1 38 ? -5.564  0.096   1.713   1.00 4.27  ? 38   GLY A C   1 
ATOM   315 O O   . GLY A 1 38 ? -6.238  0.202   0.698   1.00 3.71  ? 38   GLY A O   1 
ATOM   316 N N   . ALA A 1 39 ? -5.393  1.073   2.598   1.00 3.85  ? 39   ALA A N   1 
ATOM   317 C CA  . ALA A 1 39 ? -6.013  2.379   2.488   1.00 4.52  ? 39   ALA A CA  1 
ATOM   318 C C   . ALA A 1 39 ? -4.993  3.472   2.742   1.00 4.83  ? 39   ALA A C   1 
ATOM   319 O O   . ALA A 1 39 ? -4.195  3.387   3.681   1.00 5.22  ? 39   ALA A O   1 
ATOM   320 C CB  . ALA A 1 39 ? -7.151  2.503   3.502   1.00 4.81  ? 39   ALA A CB  1 
ATOM   321 N N   . CYS A 1 40 ? -5.049  4.507   1.910   1.00 5.22  ? 40   CYS A N   1 
ATOM   322 C CA  A CYS A 1 40 ? -4.287  5.723   2.143   0.50 5.91  ? 40   CYS A CA  1 
ATOM   323 C CA  B CYS A 1 40 ? -4.151  5.659   2.001   0.50 5.61  ? 40   CYS A CA  1 
ATOM   324 C C   . CYS A 1 40 ? -4.771  6.803   1.201   1.00 6.41  ? 40   CYS A C   1 
ATOM   325 O O   . CYS A 1 40 ? -5.389  6.533   0.178   1.00 6.46  ? 40   CYS A O   1 
ATOM   326 C CB  A CYS A 1 40 ? -2.782  5.506   1.989   0.50 6.03  ? 40   CYS A CB  1 
ATOM   327 C CB  B CYS A 1 40 ? -2.786  5.288   1.402   0.50 5.42  ? 40   CYS A CB  1 
ATOM   328 S SG  A CYS A 1 40 ? -2.284  5.123   0.331   0.50 6.93  ? 40   CYS A SG  1 
ATOM   329 S SG  B CYS A 1 40 ? -1.432  6.409   1.770   0.50 5.28  ? 40   CYS A SG  1 
ATOM   330 N N   . HIS A 1 41 ? -4.554  8.050   1.622   1.00 7.43  ? 41   HIS A N   1 
ATOM   331 C CA  . HIS A 1 41 ? -4.997  9.226   0.855   1.00 9.15  ? 41   HIS A CA  1 
ATOM   332 C C   . HIS A 1 41 ? -6.481  9.182   0.473   1.00 9.61  ? 41   HIS A C   1 
ATOM   333 O O   . HIS A 1 41 ? -6.854  9.573   -0.635  1.00 10.59 ? 41   HIS A O   1 
ATOM   334 C CB  . HIS A 1 41 ? -4.154  9.403   -0.414  1.00 8.65  ? 41   HIS A CB  1 
ATOM   335 C CG  . HIS A 1 41 ? -2.689  9.543   -0.151  1.00 10.20 ? 41   HIS A CG  1 
ATOM   336 N ND1 . HIS A 1 41 ? -2.164  10.574  0.599   1.00 11.94 ? 41   HIS A ND1 1 
ATOM   337 C CD2 . HIS A 1 41 ? -1.638  8.794   -0.556  1.00 10.99 ? 41   HIS A CD2 1 
ATOM   338 C CE1 . HIS A 1 41 ? -0.848  10.446  0.653   1.00 12.84 ? 41   HIS A CE1 1 
ATOM   339 N NE2 . HIS A 1 41 ? -0.506  9.373   -0.039  1.00 11.43 ? 41   HIS A NE2 1 
ATOM   340 N N   . GLY A 1 42 ? -7.305  8.663   1.381   1.00 10.58 ? 42   GLY A N   1 
ATOM   341 C CA  . GLY A 1 42 ? -8.749  8.569   1.168   1.00 11.03 ? 42   GLY A CA  1 
ATOM   342 C C   . GLY A 1 42 ? -9.202  7.569   0.121   1.00 11.52 ? 42   GLY A C   1 
ATOM   343 O O   . GLY A 1 42 ? -10.359 7.597   -0.309  1.00 12.43 ? 42   GLY A O   1 
ATOM   344 N N   . GLN A 1 43 ? -8.294  6.685   -0.284  1.00 10.63 ? 43   GLN A N   1 
ATOM   345 C CA  . GLN A 1 43 ? -8.595  5.644   -1.262  1.00 10.89 ? 43   GLN A CA  1 
ATOM   346 C C   . GLN A 1 43 ? -8.312  4.283   -0.645  1.00 8.82  ? 43   GLN A C   1 
ATOM   347 O O   . GLN A 1 43 ? -7.603  4.184   0.356   1.00 7.97  ? 43   GLN A O   1 
ATOM   348 C CB  . GLN A 1 43 ? -7.720  5.804   -2.507  1.00 10.71 ? 43   GLN A CB  1 
ATOM   349 C CG  . GLN A 1 43 ? -7.816  7.156   -3.212  1.00 14.46 ? 43   GLN A CG  1 
ATOM   350 C CD  . GLN A 1 43 ? -6.766  7.323   -4.314  1.00 15.36 ? 43   GLN A CD  1 
ATOM   351 O OE1 . GLN A 1 43 ? -5.934  6.432   -4.560  1.00 21.73 ? 43   GLN A OE1 1 
ATOM   352 N NE2 . GLN A 1 43 ? -6.802  8.471   -4.987  1.00 21.84 ? 43   GLN A NE2 1 
ATOM   353 N N   . THR A 1 44 ? -8.877  3.237   -1.237  1.00 7.54  ? 44   THR A N   1 
ATOM   354 C CA  . THR A 1 44 ? -8.469  1.868   -0.927  1.00 7.56  ? 44   THR A CA  1 
ATOM   355 C C   . THR A 1 44 ? -8.122  1.159   -2.228  1.00 6.69  ? 44   THR A C   1 
ATOM   356 O O   . THR A 1 44 ? -8.634  1.514   -3.304  1.00 7.03  ? 44   THR A O   1 
ATOM   357 C CB  . THR A 1 44 ? -9.561  1.056   -0.171  1.00 8.31  ? 44   THR A CB  1 
ATOM   358 O OG1 . THR A 1 44 ? -10.707 0.870   -1.010  1.00 9.81  ? 44   THR A OG1 1 
ATOM   359 C CG2 . THR A 1 44 ? -10.003 1.755   1.103   1.00 7.44  ? 44   THR A CG2 1 
ATOM   360 N N   . GLY A 1 45 ? -7.270  0.145   -2.126  1.00 5.59  ? 45   GLY A N   1 
ATOM   361 C CA  . GLY A 1 45 ? -6.805  -0.577  -3.306  1.00 5.21  ? 45   GLY A CA  1 
ATOM   362 C C   . GLY A 1 45 ? -5.703  -1.558  -2.993  1.00 4.79  ? 45   GLY A C   1 
ATOM   363 O O   . GLY A 1 45 ? -5.380  -1.805  -1.812  1.00 5.26  ? 45   GLY A O   1 
ATOM   364 N N   . MET A 1 46 ? -5.156  -2.130  -4.061  1.00 4.35  ? 46   MET A N   1 
ATOM   365 C CA  . MET A 1 46 ? -4.111  -3.137  -3.970  1.00 3.44  ? 46   MET A CA  1 
ATOM   366 C C   . MET A 1 46 ? -2.766  -2.514  -4.225  1.00 3.34  ? 46   MET A C   1 
ATOM   367 O O   . MET A 1 46 ? -2.644  -1.600  -5.037  1.00 2.96  ? 46   MET A O   1 
ATOM   368 C CB  . MET A 1 46 ? -4.355  -4.272  -4.965  1.00 3.48  ? 46   MET A CB  1 
ATOM   369 C CG  . MET A 1 46 ? -5.722  -4.939  -4.808  1.00 3.68  ? 46   MET A CG  1 
ATOM   370 S SD  . MET A 1 46 ? -6.034  -5.594  -3.153  1.00 4.97  ? 46   MET A SD  1 
ATOM   371 C CE  . MET A 1 46 ? -4.854  -6.937  -3.131  1.00 5.07  ? 46   MET A CE  1 
ATOM   372 N N   . PHE A 1 47 ? -1.756  -3.027  -3.530  1.00 3.85  ? 47   PHE A N   1 
ATOM   373 C CA  . PHE A 1 47 ? -0.390  -2.537  -3.666  1.00 3.29  ? 47   PHE A CA  1 
ATOM   374 C C   . PHE A 1 47 ? 0.583   -3.689  -3.379  1.00 3.88  ? 47   PHE A C   1 
ATOM   375 O O   . PHE A 1 47 ? 0.212   -4.676  -2.731  1.00 3.85  ? 47   PHE A O   1 
ATOM   376 C CB  . PHE A 1 47 ? -0.142  -1.378  -2.698  1.00 3.95  ? 47   PHE A CB  1 
ATOM   377 C CG  . PHE A 1 47 ? -0.156  -1.784  -1.250  1.00 2.76  ? 47   PHE A CG  1 
ATOM   378 C CD1 . PHE A 1 47 ? 1.027   -2.168  -0.604  1.00 3.58  ? 47   PHE A CD1 1 
ATOM   379 C CD2 . PHE A 1 47 ? -1.351  -1.814  -0.533  1.00 4.10  ? 47   PHE A CD2 1 
ATOM   380 C CE1 . PHE A 1 47 ? 1.007   -2.550  0.736   1.00 3.06  ? 47   PHE A CE1 1 
ATOM   381 C CE2 . PHE A 1 47 ? -1.382  -2.191  0.807   1.00 3.39  ? 47   PHE A CE2 1 
ATOM   382 C CZ  . PHE A 1 47 ? -0.201  -2.563  1.447   1.00 4.53  ? 47   PHE A CZ  1 
ATOM   383 N N   . PRO A 1 48 ? 1.819   -3.581  -3.880  1.00 3.83  ? 48   PRO A N   1 
ATOM   384 C CA  . PRO A 1 48 ? 2.808   -4.638  -3.651  1.00 3.52  ? 48   PRO A CA  1 
ATOM   385 C C   . PRO A 1 48 ? 3.387   -4.578  -2.247  1.00 3.21  ? 48   PRO A C   1 
ATOM   386 O O   . PRO A 1 48 ? 3.936   -3.543  -1.837  1.00 3.33  ? 48   PRO A O   1 
ATOM   387 C CB  . PRO A 1 48 ? 3.898   -4.362  -4.700  1.00 4.18  ? 48   PRO A CB  1 
ATOM   388 C CG  . PRO A 1 48 ? 3.577   -3.028  -5.296  1.00 5.88  ? 48   PRO A CG  1 
ATOM   389 C CD  . PRO A 1 48 ? 2.339   -2.477  -4.706  1.00 3.89  ? 48   PRO A CD  1 
ATOM   390 N N   . ARG A 1 49 ? 3.256   -5.695  -1.525  1.00 2.60  ? 49   ARG A N   1 
ATOM   391 C CA  . ARG A 1 49 ? 3.809   -5.841  -0.182  1.00 3.41  ? 49   ARG A CA  1 
ATOM   392 C C   . ARG A 1 49 ? 5.281   -5.448  -0.114  1.00 2.58  ? 49   ARG A C   1 
ATOM   393 O O   . ARG A 1 49 ? 5.716   -4.821  0.854   1.00 2.75  ? 49   ARG A O   1 
ATOM   394 C CB  . ARG A 1 49 ? 3.641   -7.288  0.319   1.00 2.85  ? 49   ARG A CB  1 
ATOM   395 C CG  . ARG A 1 49 ? 4.177   -7.559  1.734   1.00 3.59  ? 49   ARG A CG  1 
ATOM   396 C CD  . ARG A 1 49 ? 4.421   -9.054  1.976   1.00 4.12  ? 49   ARG A CD  1 
ATOM   397 N NE  . ARG A 1 49 ? 5.463   -9.479  1.064   1.00 3.65  ? 49   ARG A NE  1 
ATOM   398 C CZ  . ARG A 1 49 ? 6.769   -9.308  1.277   1.00 3.88  ? 49   ARG A CZ  1 
ATOM   399 N NH1 . ARG A 1 49 ? 7.637   -9.661  0.343   1.00 4.87  ? 49   ARG A NH1 1 
ATOM   400 N NH2 . ARG A 1 49 ? 7.218   -8.790  2.421   1.00 4.10  ? 49   ARG A NH2 1 
ATOM   401 N N   . ASN A 1 50 ? 6.056   -5.789  -1.145  1.00 2.92  ? 50   ASN A N   1 
ATOM   402 C CA  . ASN A 1 50 ? 7.501   -5.534  -1.045  1.00 3.12  ? 50   ASN A CA  1 
ATOM   403 C C   . ASN A 1 50 ? 7.911   -4.059  -1.200  1.00 3.44  ? 50   ASN A C   1 
ATOM   404 O O   . ASN A 1 50 ? 9.095   -3.736  -1.069  1.00 3.43  ? 50   ASN A O   1 
ATOM   405 C CB  . ASN A 1 50 ? 8.321   -6.479  -1.953  1.00 2.98  ? 50   ASN A CB  1 
ATOM   406 C CG  . ASN A 1 50 ? 8.099   -6.242  -3.435  1.00 4.39  ? 50   ASN A CG  1 
ATOM   407 O OD1 . ASN A 1 50 ? 7.367   -5.347  -3.842  1.00 3.84  ? 50   ASN A OD1 1 
ATOM   408 N ND2 . ASN A 1 50 ? 8.735   -7.077  -4.262  1.00 4.75  ? 50   ASN A ND2 1 
ATOM   409 N N   . TYR A 1 51 ? 6.933   -3.165  -1.405  1.00 3.47  ? 51   TYR A N   1 
ATOM   410 C CA  . TYR A 1 51 ? 7.200   -1.717  -1.368  1.00 3.66  ? 51   TYR A CA  1 
ATOM   411 C C   . TYR A 1 51 ? 7.119   -1.096  0.027   1.00 3.83  ? 51   TYR A C   1 
ATOM   412 O O   . TYR A 1 51 ? 7.427   0.081   0.183   1.00 3.09  ? 51   TYR A O   1 
ATOM   413 C CB  . TYR A 1 51 ? 6.217   -0.955  -2.278  1.00 3.88  ? 51   TYR A CB  1 
ATOM   414 C CG  . TYR A 1 51 ? 6.596   -0.935  -3.744  1.00 4.01  ? 51   TYR A CG  1 
ATOM   415 C CD1 . TYR A 1 51 ? 6.781   0.276   -4.418  1.00 3.91  ? 51   TYR A CD1 1 
ATOM   416 C CD2 . TYR A 1 51 ? 6.771   -2.124  -4.454  1.00 5.33  ? 51   TYR A CD2 1 
ATOM   417 C CE1 . TYR A 1 51 ? 7.112   0.299   -5.762  1.00 4.08  ? 51   TYR A CE1 1 
ATOM   418 C CE2 . TYR A 1 51 ? 7.115   -2.110  -5.805  1.00 6.56  ? 51   TYR A CE2 1 
ATOM   419 C CZ  . TYR A 1 51 ? 7.269   -0.902  -6.451  1.00 5.06  ? 51   TYR A CZ  1 
ATOM   420 O OH  . TYR A 1 51 ? 7.613   -0.902  -7.782  1.00 6.39  ? 51   TYR A OH  1 
ATOM   421 N N   . VAL A 1 52 ? 6.706   -1.876  1.031   1.00 3.80  ? 52   VAL A N   1 
ATOM   422 C CA  . VAL A 1 52 ? 6.414   -1.306  2.354   1.00 3.83  ? 52   VAL A CA  1 
ATOM   423 C C   . VAL A 1 52 ? 7.135   -2.026  3.470   1.00 4.61  ? 52   VAL A C   1 
ATOM   424 O O   . VAL A 1 52 ? 7.719   -3.085  3.254   1.00 4.87  ? 52   VAL A O   1 
ATOM   425 C CB  . VAL A 1 52 ? 4.901   -1.299  2.667   1.00 3.39  ? 52   VAL A CB  1 
ATOM   426 C CG1 . VAL A 1 52 ? 4.131   -0.660  1.517   1.00 3.33  ? 52   VAL A CG1 1 
ATOM   427 C CG2 . VAL A 1 52 ? 4.376   -2.725  2.968   1.00 3.03  ? 52   VAL A CG2 1 
ATOM   428 N N   . THR A 1 53 ? 7.095   -1.449  4.662   1.00 4.77  ? 53   THR A N   1 
ATOM   429 C CA  . THR A 1 53 ? 7.736   -2.053  5.821   1.00 6.04  ? 53   THR A CA  1 
ATOM   430 C C   . THR A 1 53 ? 6.884   -1.765  7.054   1.00 6.14  ? 53   THR A C   1 
ATOM   431 O O   . THR A 1 53 ? 6.204   -0.743  7.091   1.00 5.98  ? 53   THR A O   1 
ATOM   432 C CB  . THR A 1 53 ? 9.166   -1.487  6.022   1.00 6.77  ? 53   THR A CB  1 
ATOM   433 O OG1 . THR A 1 53 ? 9.808   -2.179  7.095   1.00 9.59  ? 53   THR A OG1 1 
ATOM   434 C CG2 . THR A 1 53 ? 9.141   0.026   6.307   1.00 7.62  ? 53   THR A CG2 1 
ATOM   435 N N   . PRO A 1 54 ? 6.918   -2.650  8.073   1.00 6.65  ? 54   PRO A N   1 
ATOM   436 C CA  . PRO A 1 54 ? 6.279   -2.275  9.331   1.00 8.04  ? 54   PRO A CA  1 
ATOM   437 C C   . PRO A 1 54 ? 6.919   -1.035  9.908   1.00 10.07 ? 54   PRO A C   1 
ATOM   438 O O   . PRO A 1 54 ? 8.090   -0.759  9.634   1.00 10.18 ? 54   PRO A O   1 
ATOM   439 C CB  . PRO A 1 54 ? 6.555   -3.482  10.237  1.00 7.32  ? 54   PRO A CB  1 
ATOM   440 C CG  . PRO A 1 54 ? 6.660   -4.622  9.256   1.00 7.43  ? 54   PRO A CG  1 
ATOM   441 C CD  . PRO A 1 54 ? 7.474   -4.013  8.147   1.00 6.16  ? 54   PRO A CD  1 
ATOM   442 N N   . VAL A 1 55 ? 6.136   -0.294  10.686  1.00 13.10 ? 55   VAL A N   1 
ATOM   443 C CA  . VAL A 1 55 ? 6.572   0.970   11.262  1.00 15.86 ? 55   VAL A CA  1 
ATOM   444 C C   . VAL A 1 55 ? 7.687   0.741   12.286  1.00 17.43 ? 55   VAL A C   1 
ATOM   445 O O   . VAL A 1 55 ? 7.612   -0.171  13.119  1.00 17.52 ? 55   VAL A O   1 
ATOM   446 C CB  . VAL A 1 55 ? 5.384   1.780   11.869  1.00 15.94 ? 55   VAL A CB  1 
ATOM   447 C CG1 . VAL A 1 55 ? 4.214   1.866   10.889  1.00 15.63 ? 55   VAL A CG1 1 
ATOM   448 C CG2 . VAL A 1 55 ? 4.913   1.179   13.172  1.00 16.69 ? 55   VAL A CG2 1 
ATOM   449 N N   . ASN A 1 56 ? 8.708   1.588   12.223  1.00 19.71 ? 56   ASN A N   1 
ATOM   450 C CA  . ASN A 1 56 ? 9.920   1.422   13.036  1.00 21.02 ? 56   ASN A CA  1 
ATOM   451 C C   . ASN A 1 56 ? 9.698   1.493   14.546  1.00 21.58 ? 56   ASN A C   1 
ATOM   452 O O   . ASN A 1 56 ? 8.619   1.870   15.007  1.00 22.08 ? 56   ASN A O   1 
ATOM   453 C CB  . ASN A 1 56 ? 10.974  2.444   12.607  1.00 22.04 ? 56   ASN A CB  1 
ATOM   454 C CG  . ASN A 1 56 ? 11.485  2.198   11.202  1.00 23.53 ? 56   ASN A CG  1 
ATOM   455 O OD1 . ASN A 1 56 ? 11.716  1.051   10.803  1.00 27.23 ? 56   ASN A OD1 1 
ATOM   456 N ND2 . ASN A 1 56 ? 11.665  3.276   10.438  1.00 26.55 ? 56   ASN A ND2 1 
HETATM 457 C C1  . GOL B 2 .  ? 0.233   -5.509  8.497   1.00 15.42 ? 1057 GOL A C1  1 
HETATM 458 O O1  . GOL B 2 .  ? -0.659  -6.592  8.517   1.00 12.35 ? 1057 GOL A O1  1 
HETATM 459 C C2  . GOL B 2 .  ? 1.048   -5.502  9.779   1.00 17.14 ? 1057 GOL A C2  1 
HETATM 460 O O2  . GOL B 2 .  ? 0.245   -4.922  10.789  1.00 16.95 ? 1057 GOL A O2  1 
HETATM 461 C C3  . GOL B 2 .  ? 2.328   -4.703  9.559   1.00 17.03 ? 1057 GOL A C3  1 
HETATM 462 O O3  . GOL B 2 .  ? 3.088   -4.599  10.746  1.00 17.68 ? 1057 GOL A O3  1 
HETATM 463 O O   . HOH C 3 .  ? -4.970  7.535   8.534   1.00 26.04 ? 2001 HOH A O   1 
HETATM 464 O O   . HOH C 3 .  ? -3.445  4.970   8.673   1.00 25.37 ? 2002 HOH A O   1 
HETATM 465 O O   . HOH C 3 .  ? 10.194  7.769   5.347   1.00 31.77 ? 2003 HOH A O   1 
HETATM 466 O O   . HOH C 3 .  ? 9.959   5.193   4.462   1.00 25.25 ? 2004 HOH A O   1 
HETATM 467 O O   . HOH C 3 .  ? -0.146  -3.054  -15.479 1.00 26.29 ? 2005 HOH A O   1 
HETATM 468 O O   . HOH C 3 .  ? 12.325  4.774   2.345   1.00 6.96  ? 2006 HOH A O   1 
HETATM 469 O O   . HOH C 3 .  ? 10.859  5.730   -4.249  1.00 6.75  ? 2007 HOH A O   1 
HETATM 470 O O   . HOH C 3 .  ? 9.790   9.963   -3.296  1.00 11.01 ? 2008 HOH A O   1 
HETATM 471 O O   . HOH C 3 .  ? 9.195   3.600   -7.434  1.00 11.26 ? 2009 HOH A O   1 
HETATM 472 O O   . HOH C 3 .  ? -3.065  8.987   -3.898  1.00 30.24 ? 2010 HOH A O   1 
HETATM 473 O O   . HOH C 3 .  ? 1.037   12.171  -2.004  1.00 13.61 ? 2011 HOH A O   1 
HETATM 474 O O   . HOH C 3 .  ? 2.633   7.948   -9.896  1.00 27.94 ? 2012 HOH A O   1 
HETATM 475 O O   . HOH C 3 .  ? 3.651   0.128   -10.837 1.00 11.28 ? 2013 HOH A O   1 
HETATM 476 O O   . HOH C 3 .  ? 6.425   3.226   -12.173 1.00 8.73  ? 2014 HOH A O   1 
HETATM 477 O O   . HOH C 3 .  ? 6.071   2.071   -8.942  1.00 12.28 ? 2015 HOH A O   1 
HETATM 478 O O   . HOH C 3 .  ? 6.715   8.554   -9.278  1.00 5.43  ? 2016 HOH A O   1 
HETATM 479 O O   . HOH C 3 .  ? -2.578  4.652   -13.700 1.00 26.47 ? 2017 HOH A O   1 
HETATM 480 O O   . HOH C 3 .  ? 1.265   5.992   -12.140 1.00 14.08 ? 2018 HOH A O   1 
HETATM 481 O O   . HOH C 3 .  ? -0.083  4.524   -15.320 1.00 18.71 ? 2019 HOH A O   1 
HETATM 482 O O   . HOH C 3 .  ? -2.805  -4.659  -15.117 1.00 19.63 ? 2020 HOH A O   1 
HETATM 483 O O   . HOH C 3 .  ? -4.888  4.332   -11.701 1.00 33.61 ? 2021 HOH A O   1 
HETATM 484 O O   . HOH C 3 .  ? -4.167  -4.702  -10.462 1.00 17.34 ? 2022 HOH A O   1 
HETATM 485 O O   . HOH C 3 .  ? -13.932 -1.100  4.262   1.00 31.20 ? 2023 HOH A O   1 
HETATM 486 O O   . HOH C 3 .  ? -13.199 0.576   2.383   1.00 31.05 ? 2024 HOH A O   1 
HETATM 487 O O   . HOH C 3 .  ? -13.104 -3.475  5.192   1.00 44.03 ? 2025 HOH A O   1 
HETATM 488 O O   . HOH C 3 .  ? -13.048 0.033   -11.905 1.00 15.81 ? 2026 HOH A O   1 
HETATM 489 O O   . HOH C 3 .  ? -7.280  4.477   7.053   1.00 35.55 ? 2027 HOH A O   1 
HETATM 490 O O   . HOH C 3 .  ? -7.749  3.201   -7.990  1.00 28.59 ? 2028 HOH A O   1 
HETATM 491 O O   . HOH C 3 .  ? 0.471   -3.179  -12.718 1.00 40.30 ? 2029 HOH A O   1 
HETATM 492 O O   . HOH C 3 .  ? -7.000  3.402   -5.388  1.00 28.67 ? 2030 HOH A O   1 
HETATM 493 O O   . HOH C 3 .  ? 1.558   -1.947  -10.937 1.00 17.08 ? 2031 HOH A O   1 
HETATM 494 O O   . HOH C 3 .  ? -1.985  -2.680  -13.780 1.00 33.84 ? 2032 HOH A O   1 
HETATM 495 O O   . HOH C 3 .  ? -5.321  3.934   -9.012  1.00 20.28 ? 2033 HOH A O   1 
HETATM 496 O O   . HOH C 3 .  ? -3.884  5.676   -6.377  1.00 20.59 ? 2034 HOH A O   1 
HETATM 497 O O   . HOH C 3 .  ? -3.684  6.619   -2.830  1.00 12.99 ? 2035 HOH A O   1 
HETATM 498 O O   . HOH C 3 .  ? 1.227   8.592   -4.853  1.00 10.91 ? 2036 HOH A O   1 
HETATM 499 O O   . HOH C 3 .  ? 8.202   10.669  -0.620  1.00 15.33 ? 2037 HOH A O   1 
HETATM 500 O O   . HOH C 3 .  ? 5.578   10.341  2.866   1.00 12.64 ? 2038 HOH A O   1 
HETATM 501 O O   . HOH C 3 .  ? 2.486   11.798  0.227   1.00 11.44 ? 2039 HOH A O   1 
HETATM 502 O O   . HOH C 3 .  ? -0.676  8.011   3.578   1.00 34.52 ? 2040 HOH A O   1 
HETATM 503 O O   . HOH C 3 .  ? 0.776   8.960   5.040   1.00 12.41 ? 2041 HOH A O   1 
HETATM 504 O O   . HOH C 3 .  ? -3.446  5.736   5.862   1.00 20.87 ? 2042 HOH A O   1 
HETATM 505 O O   . HOH C 3 .  ? -9.945  -1.735  7.617   1.00 24.89 ? 2043 HOH A O   1 
HETATM 506 O O   . HOH C 3 .  ? -8.804  -8.415  -0.105  1.00 12.51 ? 2044 HOH A O   1 
HETATM 507 O O   . HOH C 3 .  ? -5.771  -10.644 -1.001  1.00 22.34 ? 2045 HOH A O   1 
HETATM 508 O O   . HOH C 3 .  ? -6.573  -11.969 5.790   1.00 14.85 ? 2046 HOH A O   1 
HETATM 509 O O   . HOH C 3 .  ? -1.020  -13.241 6.380   1.00 25.41 ? 2047 HOH A O   1 
HETATM 510 O O   . HOH C 3 .  ? 1.654   -12.003 3.260   1.00 10.92 ? 2048 HOH A O   1 
HETATM 511 O O   . HOH C 3 .  ? -4.227  -12.755 6.979   1.00 33.39 ? 2049 HOH A O   1 
HETATM 512 O O   . HOH C 3 .  ? 1.036   -14.629 2.798   1.00 15.75 ? 2050 HOH A O   1 
HETATM 513 O O   . HOH C 3 .  ? -7.978  -12.841 1.945   1.00 29.99 ? 2051 HOH A O   1 
HETATM 514 O O   . HOH C 3 .  ? 0.765   -12.799 -5.571  1.00 34.72 ? 2052 HOH A O   1 
HETATM 515 O O   . HOH C 3 .  ? -3.225  -15.444 -1.828  1.00 27.50 ? 2053 HOH A O   1 
HETATM 516 O O   . HOH C 3 .  ? 6.481   -9.864  -2.365  1.00 12.72 ? 2054 HOH A O   1 
HETATM 517 O O   . HOH C 3 .  ? 5.215   -7.608  -3.335  1.00 5.46  ? 2055 HOH A O   1 
HETATM 518 O O   . HOH C 3 .  ? -3.696  -10.484 -3.685  1.00 20.01 ? 2056 HOH A O   1 
HETATM 519 O O   . HOH C 3 .  ? -3.467  -9.862  0.452   1.00 6.52  ? 2057 HOH A O   1 
HETATM 520 O O   . HOH C 3 .  ? -0.861  -7.670  -9.747  1.00 40.18 ? 2058 HOH A O   1 
HETATM 521 O O   . HOH C 3 .  ? -11.163 -4.923  4.026   1.00 17.61 ? 2059 HOH A O   1 
HETATM 522 O O   . HOH C 3 .  ? -13.660 -2.723  1.609   1.00 17.89 ? 2060 HOH A O   1 
HETATM 523 O O   . HOH C 3 .  ? -6.110  5.789   5.047   1.00 27.39 ? 2061 HOH A O   1 
HETATM 524 O O   . HOH C 3 .  ? -3.944  12.697  0.547   1.00 23.31 ? 2062 HOH A O   1 
HETATM 525 O O   . HOH C 3 .  ? -3.064  9.103   3.710   1.00 18.72 ? 2063 HOH A O   1 
HETATM 526 O O   . HOH C 3 .  ? 0.145   9.624   -2.971  1.00 27.57 ? 2064 HOH A O   1 
HETATM 527 O O   . HOH C 3 .  ? -8.348  5.641   2.901   1.00 22.08 ? 2065 HOH A O   1 
HETATM 528 O O   . HOH C 3 .  ? -10.829 4.153   -3.386  1.00 23.84 ? 2066 HOH A O   1 
HETATM 529 O O   . HOH C 3 .  ? -12.289 -0.983  0.344   1.00 22.48 ? 2067 HOH A O   1 
HETATM 530 O O   . HOH C 3 .  ? 10.393  -9.705  0.620   1.00 10.82 ? 2068 HOH A O   1 
HETATM 531 O O   . HOH C 3 .  ? 6.612   -5.472  -6.640  1.00 11.05 ? 2069 HOH A O   1 
HETATM 532 O O   . HOH C 3 .  ? 8.542   -3.258  -8.685  1.00 23.02 ? 2070 HOH A O   1 
HETATM 533 O O   . HOH C 3 .  ? 5.504   -1.327  -9.509  1.00 26.16 ? 2071 HOH A O   1 
HETATM 534 O O   . HOH C 3 .  ? 9.480   -4.389  1.764   1.00 12.11 ? 2072 HOH A O   1 
HETATM 535 O O   . HOH C 3 .  ? 12.251  -3.543  6.706   1.00 12.18 ? 2073 HOH A O   1 
HETATM 536 O O   . HOH C 3 .  ? 7.788   3.994   10.876  1.00 30.79 ? 2074 HOH A O   1 
HETATM 537 O O   . HOH C 3 .  ? -2.855  -6.261  10.059  1.00 7.93  ? 2075 HOH A O   1 
HETATM 538 O O   . HOH C 3 .  ? -0.043  -7.162  12.389  1.00 8.29  ? 2076 HOH A O   1 
HETATM 539 O O   . HOH C 3 .  ? 1.330   -3.205  12.653  1.00 17.32 ? 2077 HOH A O   1 
# 
loop_
_pdbx_poly_seq_scheme.asym_id 
_pdbx_poly_seq_scheme.entity_id 
_pdbx_poly_seq_scheme.seq_id 
_pdbx_poly_seq_scheme.mon_id 
_pdbx_poly_seq_scheme.ndb_seq_num 
_pdbx_poly_seq_scheme.pdb_seq_num 
_pdbx_poly_seq_scheme.auth_seq_num 
_pdbx_poly_seq_scheme.pdb_mon_id 
_pdbx_poly_seq_scheme.auth_mon_id 
_pdbx_poly_seq_scheme.pdb_strand_id 
_pdbx_poly_seq_scheme.pdb_ins_code 
_pdbx_poly_seq_scheme.hetero 
A 1 1  GLY 1  1  1  GLY GLY A . n 
A 1 2  SER 2  2  2  SER SER A . n 
A 1 3  VAL 3  3  3  VAL VAL A . n 
A 1 4  GLN 4  4  4  GLN GLN A . n 
A 1 5  ALA 5  5  5  ALA ALA A . n 
A 1 6  LEU 6  6  6  LEU LEU A . n 
A 1 7  PHE 7  7  7  PHE PHE A . n 
A 1 8  ASP 8  8  8  ASP ASP A . n 
A 1 9  PHE 9  9  9  PHE PHE A . n 
A 1 10 ASP 10 10 10 ASP ASP A . n 
A 1 11 PRO 11 11 11 PRO PRO A . n 
A 1 12 GLN 12 12 12 GLN GLN A . n 
A 1 13 GLU 13 13 13 GLU GLU A . n 
A 1 14 ASP 14 14 14 ASP ASP A . n 
A 1 15 GLY 15 15 15 GLY GLY A . n 
A 1 16 GLU 16 16 16 GLU GLU A . n 
A 1 17 LEU 17 17 17 LEU LEU A . n 
A 1 18 GLY 18 18 18 GLY GLY A . n 
A 1 19 PHE 19 19 19 PHE PHE A . n 
A 1 20 ARG 20 20 20 ARG ARG A . n 
A 1 21 ARG 21 21 21 ARG ARG A . n 
A 1 22 GLY 22 22 22 GLY GLY A . n 
A 1 23 ASP 23 23 23 ASP ASP A . n 
A 1 24 PHE 24 24 24 PHE PHE A . n 
A 1 25 ILE 25 25 25 ILE ILE A . n 
A 1 26 HIS 26 26 26 HIS HIS A . n 
A 1 27 VAL 27 27 27 VAL VAL A . n 
A 1 28 MET 28 28 28 MET MET A . n 
A 1 29 ASP 29 29 29 ASP ASP A . n 
A 1 30 ASN 30 30 30 ASN ASN A . n 
A 1 31 SER 31 31 31 SER SER A . n 
A 1 32 ASP 32 32 32 ASP ASP A . n 
A 1 33 PRO 33 33 33 PRO PRO A . n 
A 1 34 ASN 34 34 34 ASN ASN A . n 
A 1 35 TRP 35 35 35 TRP TRP A . n 
A 1 36 TRP 36 36 36 TRP TRP A . n 
A 1 37 LYS 37 37 37 LYS LYS A . n 
A 1 38 GLY 38 38 38 GLY GLY A . n 
A 1 39 ALA 39 39 39 ALA ALA A . n 
A 1 40 CYS 40 40 40 CYS CYS A . n 
A 1 41 HIS 41 41 41 HIS HIS A . n 
A 1 42 GLY 42 42 42 GLY GLY A . n 
A 1 43 GLN 43 43 43 GLN GLN A . n 
A 1 44 THR 44 44 44 THR THR A . n 
A 1 45 GLY 45 45 45 GLY GLY A . n 
A 1 46 MET 46 46 46 MET MET A . n 
A 1 47 PHE 47 47 47 PHE PHE A . n 
A 1 48 PRO 48 48 48 PRO PRO A . n 
A 1 49 ARG 49 49 49 ARG ARG A . n 
A 1 50 ASN 50 50 50 ASN ASN A . n 
A 1 51 TYR 51 51 51 TYR TYR A . n 
A 1 52 VAL 52 52 52 VAL VAL A . n 
A 1 53 THR 53 53 53 THR THR A . n 
A 1 54 PRO 54 54 54 PRO PRO A . n 
A 1 55 VAL 55 55 55 VAL VAL A . n 
A 1 56 ASN 56 56 56 ASN ASN A . n 
# 
loop_
_pdbx_nonpoly_scheme.asym_id 
_pdbx_nonpoly_scheme.entity_id 
_pdbx_nonpoly_scheme.mon_id 
_pdbx_nonpoly_scheme.ndb_seq_num 
_pdbx_nonpoly_scheme.pdb_seq_num 
_pdbx_nonpoly_scheme.auth_seq_num 
_pdbx_nonpoly_scheme.pdb_mon_id 
_pdbx_nonpoly_scheme.auth_mon_id 
_pdbx_nonpoly_scheme.pdb_strand_id 
_pdbx_nonpoly_scheme.pdb_ins_code 
B 2 GOL 1  1057 1057 GOL GOL A . 
C 3 HOH 1  2001 2001 HOH HOH A . 
C 3 HOH 2  2002 2002 HOH HOH A . 
C 3 HOH 3  2003 2003 HOH HOH A . 
C 3 HOH 4  2004 2004 HOH HOH A . 
C 3 HOH 5  2005 2005 HOH HOH A . 
C 3 HOH 6  2006 2006 HOH HOH A . 
C 3 HOH 7  2007 2007 HOH HOH A . 
C 3 HOH 8  2008 2008 HOH HOH A . 
C 3 HOH 9  2009 2009 HOH HOH A . 
C 3 HOH 10 2010 2010 HOH HOH A . 
C 3 HOH 11 2011 2011 HOH HOH A . 
C 3 HOH 12 2012 2012 HOH HOH A . 
C 3 HOH 13 2013 2013 HOH HOH A . 
C 3 HOH 14 2014 2014 HOH HOH A . 
C 3 HOH 15 2015 2015 HOH HOH A . 
C 3 HOH 16 2016 2016 HOH HOH A . 
C 3 HOH 17 2017 2017 HOH HOH A . 
C 3 HOH 18 2018 2018 HOH HOH A . 
C 3 HOH 19 2019 2019 HOH HOH A . 
C 3 HOH 20 2020 2020 HOH HOH A . 
C 3 HOH 21 2021 2021 HOH HOH A . 
C 3 HOH 22 2022 2022 HOH HOH A . 
C 3 HOH 23 2023 2023 HOH HOH A . 
C 3 HOH 24 2024 2024 HOH HOH A . 
C 3 HOH 25 2025 2025 HOH HOH A . 
C 3 HOH 26 2026 2026 HOH HOH A . 
C 3 HOH 27 2027 2027 HOH HOH A . 
C 3 HOH 28 2028 2028 HOH HOH A . 
C 3 HOH 29 2029 2029 HOH HOH A . 
C 3 HOH 30 2030 2030 HOH HOH A . 
C 3 HOH 31 2031 2031 HOH HOH A . 
C 3 HOH 32 2032 2032 HOH HOH A . 
C 3 HOH 33 2033 2033 HOH HOH A . 
C 3 HOH 34 2034 2034 HOH HOH A . 
C 3 HOH 35 2035 2035 HOH HOH A . 
C 3 HOH 36 2036 2036 HOH HOH A . 
C 3 HOH 37 2037 2037 HOH HOH A . 
C 3 HOH 38 2038 2038 HOH HOH A . 
C 3 HOH 39 2039 2039 HOH HOH A . 
C 3 HOH 40 2040 2040 HOH HOH A . 
C 3 HOH 41 2041 2041 HOH HOH A . 
C 3 HOH 42 2042 2042 HOH HOH A . 
C 3 HOH 43 2043 2043 HOH HOH A . 
C 3 HOH 44 2044 2044 HOH HOH A . 
C 3 HOH 45 2045 2045 HOH HOH A . 
C 3 HOH 46 2046 2046 HOH HOH A . 
C 3 HOH 47 2047 2047 HOH HOH A . 
C 3 HOH 48 2048 2048 HOH HOH A . 
C 3 HOH 49 2049 2049 HOH HOH A . 
C 3 HOH 50 2050 2050 HOH HOH A . 
C 3 HOH 51 2051 2051 HOH HOH A . 
C 3 HOH 52 2052 2052 HOH HOH A . 
C 3 HOH 53 2053 2053 HOH HOH A . 
C 3 HOH 54 2054 2054 HOH HOH A . 
C 3 HOH 55 2055 2055 HOH HOH A . 
C 3 HOH 56 2056 2056 HOH HOH A . 
C 3 HOH 57 2057 2057 HOH HOH A . 
C 3 HOH 58 2058 2058 HOH HOH A . 
C 3 HOH 59 2059 2059 HOH HOH A . 
C 3 HOH 60 2060 2060 HOH HOH A . 
C 3 HOH 61 2061 2061 HOH HOH A . 
C 3 HOH 62 2062 2062 HOH HOH A . 
C 3 HOH 63 2063 2063 HOH HOH A . 
C 3 HOH 64 2064 2064 HOH HOH A . 
C 3 HOH 65 2065 2065 HOH HOH A . 
C 3 HOH 66 2066 2066 HOH HOH A . 
C 3 HOH 67 2067 2067 HOH HOH A . 
C 3 HOH 68 2068 2068 HOH HOH A . 
C 3 HOH 69 2069 2069 HOH HOH A . 
C 3 HOH 70 2070 2070 HOH HOH A . 
C 3 HOH 71 2071 2071 HOH HOH A . 
C 3 HOH 72 2072 2072 HOH HOH A . 
C 3 HOH 73 2073 2073 HOH HOH A . 
C 3 HOH 74 2074 2074 HOH HOH A . 
C 3 HOH 75 2075 2075 HOH HOH A . 
C 3 HOH 76 2076 2076 HOH HOH A . 
C 3 HOH 77 2077 2077 HOH HOH A . 
# 
_pdbx_struct_assembly.id                   1 
_pdbx_struct_assembly.details              author_and_software_defined_assembly 
_pdbx_struct_assembly.method_details       PQS 
_pdbx_struct_assembly.oligomeric_details   monomeric 
_pdbx_struct_assembly.oligomeric_count     1 
# 
_pdbx_struct_assembly_gen.assembly_id       1 
_pdbx_struct_assembly_gen.oper_expression   1 
_pdbx_struct_assembly_gen.asym_id_list      A,B,C 
# 
_pdbx_struct_oper_list.id                   1 
_pdbx_struct_oper_list.type                 'identity operation' 
_pdbx_struct_oper_list.name                 1_555 
_pdbx_struct_oper_list.symmetry_operation   x,y,z 
_pdbx_struct_oper_list.matrix[1][1]         1.0000000000 
_pdbx_struct_oper_list.matrix[1][2]         0.0000000000 
_pdbx_struct_oper_list.matrix[1][3]         0.0000000000 
_pdbx_struct_oper_list.vector[1]            0.0000000000 
_pdbx_struct_oper_list.matrix[2][1]         0.0000000000 
_pdbx_struct_oper_list.matrix[2][2]         1.0000000000 
_pdbx_struct_oper_list.matrix[2][3]         0.0000000000 
_pdbx_struct_oper_list.vector[2]            0.0000000000 
_pdbx_struct_oper_list.matrix[3][1]         0.0000000000 
_pdbx_struct_oper_list.matrix[3][2]         0.0000000000 
_pdbx_struct_oper_list.matrix[3][3]         1.0000000000 
_pdbx_struct_oper_list.vector[3]            0.0000000000 
# 
loop_
_pdbx_audit_revision_history.ordinal 
_pdbx_audit_revision_history.data_content_type 
_pdbx_audit_revision_history.major_revision 
_pdbx_audit_revision_history.minor_revision 
_pdbx_audit_revision_history.revision_date 
1 'Structure model' 1 0 2009-05-19 
2 'Structure model' 1 1 2011-05-08 
3 'Structure model' 1 2 2011-07-13 
4 'Structure model' 1 3 2023-12-13 
# 
_pdbx_audit_revision_details.ordinal             1 
_pdbx_audit_revision_details.revision_ordinal    1 
_pdbx_audit_revision_details.data_content_type   'Structure model' 
_pdbx_audit_revision_details.provider            repository 
_pdbx_audit_revision_details.type                'Initial release' 
_pdbx_audit_revision_details.description         ? 
_pdbx_audit_revision_details.details             ? 
# 
loop_
_pdbx_audit_revision_group.ordinal 
_pdbx_audit_revision_group.revision_ordinal 
_pdbx_audit_revision_group.data_content_type 
_pdbx_audit_revision_group.group 
1 2 'Structure model' 'Version format compliance' 
2 3 'Structure model' 'Version format compliance' 
3 4 'Structure model' 'Data collection'           
4 4 'Structure model' 'Database references'       
5 4 'Structure model' 'Derived calculations'      
6 4 'Structure model' Other                       
7 4 'Structure model' 'Refinement description'    
# 
loop_
_pdbx_audit_revision_category.ordinal 
_pdbx_audit_revision_category.revision_ordinal 
_pdbx_audit_revision_category.data_content_type 
_pdbx_audit_revision_category.category 
1 4 'Structure model' chem_comp_atom                
2 4 'Structure model' chem_comp_bond                
3 4 'Structure model' database_2                    
4 4 'Structure model' pdbx_database_status          
5 4 'Structure model' pdbx_initial_refinement_model 
6 4 'Structure model' struct_site                   
# 
loop_
_pdbx_audit_revision_item.ordinal 
_pdbx_audit_revision_item.revision_ordinal 
_pdbx_audit_revision_item.data_content_type 
_pdbx_audit_revision_item.item 
1 4 'Structure model' '_database_2.pdbx_DOI'                 
2 4 'Structure model' '_database_2.pdbx_database_accession'  
3 4 'Structure model' '_pdbx_database_status.status_code_sf' 
4 4 'Structure model' '_struct_site.pdbx_auth_asym_id'       
5 4 'Structure model' '_struct_site.pdbx_auth_comp_id'       
6 4 'Structure model' '_struct_site.pdbx_auth_seq_id'        
# 
loop_
_software.name 
_software.classification 
_software.version 
_software.citation_id 
_software.pdbx_ordinal 
REFMAC    refinement       5.2.0019 ? 1 
DENZO     'data reduction' .        ? 2 
SCALEPACK 'data scaling'   .        ? 3 
AMoRE     phasing          .        ? 4 
# 
_pdbx_entry_details.entry_id                 2VVK 
_pdbx_entry_details.compound_details         ? 
_pdbx_entry_details.source_details           ? 
_pdbx_entry_details.nonpolymer_details       ? 
_pdbx_entry_details.sequence_details         'GS TERMINAL OVERHANG (THROMBIN CLEAVAGE)' 
_pdbx_entry_details.has_ligand_of_interest   ? 
# 
_pdbx_validate_rmsd_angle.id                         1 
_pdbx_validate_rmsd_angle.PDB_model_num              1 
_pdbx_validate_rmsd_angle.auth_atom_id_1             CB 
_pdbx_validate_rmsd_angle.auth_asym_id_1             A 
_pdbx_validate_rmsd_angle.auth_comp_id_1             ASP 
_pdbx_validate_rmsd_angle.auth_seq_id_1              14 
_pdbx_validate_rmsd_angle.PDB_ins_code_1             ? 
_pdbx_validate_rmsd_angle.label_alt_id_1             B 
_pdbx_validate_rmsd_angle.auth_atom_id_2             CG 
_pdbx_validate_rmsd_angle.auth_asym_id_2             A 
_pdbx_validate_rmsd_angle.auth_comp_id_2             ASP 
_pdbx_validate_rmsd_angle.auth_seq_id_2              14 
_pdbx_validate_rmsd_angle.PDB_ins_code_2             ? 
_pdbx_validate_rmsd_angle.label_alt_id_2             B 
_pdbx_validate_rmsd_angle.auth_atom_id_3             OD2 
_pdbx_validate_rmsd_angle.auth_asym_id_3             A 
_pdbx_validate_rmsd_angle.auth_comp_id_3             ASP 
_pdbx_validate_rmsd_angle.auth_seq_id_3              14 
_pdbx_validate_rmsd_angle.PDB_ins_code_3             ? 
_pdbx_validate_rmsd_angle.label_alt_id_3             B 
_pdbx_validate_rmsd_angle.angle_value                112.58 
_pdbx_validate_rmsd_angle.angle_target_value         118.30 
_pdbx_validate_rmsd_angle.angle_deviation            -5.72 
_pdbx_validate_rmsd_angle.angle_standard_deviation   0.90 
_pdbx_validate_rmsd_angle.linker_flag                N 
# 
_pdbx_distant_solvent_atoms.id                                1 
_pdbx_distant_solvent_atoms.PDB_model_num                     1 
_pdbx_distant_solvent_atoms.auth_atom_id                      O 
_pdbx_distant_solvent_atoms.label_alt_id                      ? 
_pdbx_distant_solvent_atoms.auth_asym_id                      A 
_pdbx_distant_solvent_atoms.auth_comp_id                      HOH 
_pdbx_distant_solvent_atoms.auth_seq_id                       2001 
_pdbx_distant_solvent_atoms.PDB_ins_code                      ? 
_pdbx_distant_solvent_atoms.neighbor_macromolecule_distance   6.03 
_pdbx_distant_solvent_atoms.neighbor_ligand_distance          . 
# 
loop_
_chem_comp_atom.comp_id 
_chem_comp_atom.atom_id 
_chem_comp_atom.type_symbol 
_chem_comp_atom.pdbx_aromatic_flag 
_chem_comp_atom.pdbx_stereo_config 
_chem_comp_atom.pdbx_ordinal 
ALA N    N N N 1   
ALA CA   C N S 2   
ALA C    C N N 3   
ALA O    O N N 4   
ALA CB   C N N 5   
ALA OXT  O N N 6   
ALA H    H N N 7   
ALA H2   H N N 8   
ALA HA   H N N 9   
ALA HB1  H N N 10  
ALA HB2  H N N 11  
ALA HB3  H N N 12  
ALA HXT  H N N 13  
ARG N    N N N 14  
ARG CA   C N S 15  
ARG C    C N N 16  
ARG O    O N N 17  
ARG CB   C N N 18  
ARG CG   C N N 19  
ARG CD   C N N 20  
ARG NE   N N N 21  
ARG CZ   C N N 22  
ARG NH1  N N N 23  
ARG NH2  N N N 24  
ARG OXT  O N N 25  
ARG H    H N N 26  
ARG H2   H N N 27  
ARG HA   H N N 28  
ARG HB2  H N N 29  
ARG HB3  H N N 30  
ARG HG2  H N N 31  
ARG HG3  H N N 32  
ARG HD2  H N N 33  
ARG HD3  H N N 34  
ARG HE   H N N 35  
ARG HH11 H N N 36  
ARG HH12 H N N 37  
ARG HH21 H N N 38  
ARG HH22 H N N 39  
ARG HXT  H N N 40  
ASN N    N N N 41  
ASN CA   C N S 42  
ASN C    C N N 43  
ASN O    O N N 44  
ASN CB   C N N 45  
ASN CG   C N N 46  
ASN OD1  O N N 47  
ASN ND2  N N N 48  
ASN OXT  O N N 49  
ASN H    H N N 50  
ASN H2   H N N 51  
ASN HA   H N N 52  
ASN HB2  H N N 53  
ASN HB3  H N N 54  
ASN HD21 H N N 55  
ASN HD22 H N N 56  
ASN HXT  H N N 57  
ASP N    N N N 58  
ASP CA   C N S 59  
ASP C    C N N 60  
ASP O    O N N 61  
ASP CB   C N N 62  
ASP CG   C N N 63  
ASP OD1  O N N 64  
ASP OD2  O N N 65  
ASP OXT  O N N 66  
ASP H    H N N 67  
ASP H2   H N N 68  
ASP HA   H N N 69  
ASP HB2  H N N 70  
ASP HB3  H N N 71  
ASP HD2  H N N 72  
ASP HXT  H N N 73  
CYS N    N N N 74  
CYS CA   C N R 75  
CYS C    C N N 76  
CYS O    O N N 77  
CYS CB   C N N 78  
CYS SG   S N N 79  
CYS OXT  O N N 80  
CYS H    H N N 81  
CYS H2   H N N 82  
CYS HA   H N N 83  
CYS HB2  H N N 84  
CYS HB3  H N N 85  
CYS HG   H N N 86  
CYS HXT  H N N 87  
GLN N    N N N 88  
GLN CA   C N S 89  
GLN C    C N N 90  
GLN O    O N N 91  
GLN CB   C N N 92  
GLN CG   C N N 93  
GLN CD   C N N 94  
GLN OE1  O N N 95  
GLN NE2  N N N 96  
GLN OXT  O N N 97  
GLN H    H N N 98  
GLN H2   H N N 99  
GLN HA   H N N 100 
GLN HB2  H N N 101 
GLN HB3  H N N 102 
GLN HG2  H N N 103 
GLN HG3  H N N 104 
GLN HE21 H N N 105 
GLN HE22 H N N 106 
GLN HXT  H N N 107 
GLU N    N N N 108 
GLU CA   C N S 109 
GLU C    C N N 110 
GLU O    O N N 111 
GLU CB   C N N 112 
GLU CG   C N N 113 
GLU CD   C N N 114 
GLU OE1  O N N 115 
GLU OE2  O N N 116 
GLU OXT  O N N 117 
GLU H    H N N 118 
GLU H2   H N N 119 
GLU HA   H N N 120 
GLU HB2  H N N 121 
GLU HB3  H N N 122 
GLU HG2  H N N 123 
GLU HG3  H N N 124 
GLU HE2  H N N 125 
GLU HXT  H N N 126 
GLY N    N N N 127 
GLY CA   C N N 128 
GLY C    C N N 129 
GLY O    O N N 130 
GLY OXT  O N N 131 
GLY H    H N N 132 
GLY H2   H N N 133 
GLY HA2  H N N 134 
GLY HA3  H N N 135 
GLY HXT  H N N 136 
GOL C1   C N N 137 
GOL O1   O N N 138 
GOL C2   C N N 139 
GOL O2   O N N 140 
GOL C3   C N N 141 
GOL O3   O N N 142 
GOL H11  H N N 143 
GOL H12  H N N 144 
GOL HO1  H N N 145 
GOL H2   H N N 146 
GOL HO2  H N N 147 
GOL H31  H N N 148 
GOL H32  H N N 149 
GOL HO3  H N N 150 
HIS N    N N N 151 
HIS CA   C N S 152 
HIS C    C N N 153 
HIS O    O N N 154 
HIS CB   C N N 155 
HIS CG   C Y N 156 
HIS ND1  N Y N 157 
HIS CD2  C Y N 158 
HIS CE1  C Y N 159 
HIS NE2  N Y N 160 
HIS OXT  O N N 161 
HIS H    H N N 162 
HIS H2   H N N 163 
HIS HA   H N N 164 
HIS HB2  H N N 165 
HIS HB3  H N N 166 
HIS HD1  H N N 167 
HIS HD2  H N N 168 
HIS HE1  H N N 169 
HIS HE2  H N N 170 
HIS HXT  H N N 171 
HOH O    O N N 172 
HOH H1   H N N 173 
HOH H2   H N N 174 
ILE N    N N N 175 
ILE CA   C N S 176 
ILE C    C N N 177 
ILE O    O N N 178 
ILE CB   C N S 179 
ILE CG1  C N N 180 
ILE CG2  C N N 181 
ILE CD1  C N N 182 
ILE OXT  O N N 183 
ILE H    H N N 184 
ILE H2   H N N 185 
ILE HA   H N N 186 
ILE HB   H N N 187 
ILE HG12 H N N 188 
ILE HG13 H N N 189 
ILE HG21 H N N 190 
ILE HG22 H N N 191 
ILE HG23 H N N 192 
ILE HD11 H N N 193 
ILE HD12 H N N 194 
ILE HD13 H N N 195 
ILE HXT  H N N 196 
LEU N    N N N 197 
LEU CA   C N S 198 
LEU C    C N N 199 
LEU O    O N N 200 
LEU CB   C N N 201 
LEU CG   C N N 202 
LEU CD1  C N N 203 
LEU CD2  C N N 204 
LEU OXT  O N N 205 
LEU H    H N N 206 
LEU H2   H N N 207 
LEU HA   H N N 208 
LEU HB2  H N N 209 
LEU HB3  H N N 210 
LEU HG   H N N 211 
LEU HD11 H N N 212 
LEU HD12 H N N 213 
LEU HD13 H N N 214 
LEU HD21 H N N 215 
LEU HD22 H N N 216 
LEU HD23 H N N 217 
LEU HXT  H N N 218 
LYS N    N N N 219 
LYS CA   C N S 220 
LYS C    C N N 221 
LYS O    O N N 222 
LYS CB   C N N 223 
LYS CG   C N N 224 
LYS CD   C N N 225 
LYS CE   C N N 226 
LYS NZ   N N N 227 
LYS OXT  O N N 228 
LYS H    H N N 229 
LYS H2   H N N 230 
LYS HA   H N N 231 
LYS HB2  H N N 232 
LYS HB3  H N N 233 
LYS HG2  H N N 234 
LYS HG3  H N N 235 
LYS HD2  H N N 236 
LYS HD3  H N N 237 
LYS HE2  H N N 238 
LYS HE3  H N N 239 
LYS HZ1  H N N 240 
LYS HZ2  H N N 241 
LYS HZ3  H N N 242 
LYS HXT  H N N 243 
MET N    N N N 244 
MET CA   C N S 245 
MET C    C N N 246 
MET O    O N N 247 
MET CB   C N N 248 
MET CG   C N N 249 
MET SD   S N N 250 
MET CE   C N N 251 
MET OXT  O N N 252 
MET H    H N N 253 
MET H2   H N N 254 
MET HA   H N N 255 
MET HB2  H N N 256 
MET HB3  H N N 257 
MET HG2  H N N 258 
MET HG3  H N N 259 
MET HE1  H N N 260 
MET HE2  H N N 261 
MET HE3  H N N 262 
MET HXT  H N N 263 
PHE N    N N N 264 
PHE CA   C N S 265 
PHE C    C N N 266 
PHE O    O N N 267 
PHE CB   C N N 268 
PHE CG   C Y N 269 
PHE CD1  C Y N 270 
PHE CD2  C Y N 271 
PHE CE1  C Y N 272 
PHE CE2  C Y N 273 
PHE CZ   C Y N 274 
PHE OXT  O N N 275 
PHE H    H N N 276 
PHE H2   H N N 277 
PHE HA   H N N 278 
PHE HB2  H N N 279 
PHE HB3  H N N 280 
PHE HD1  H N N 281 
PHE HD2  H N N 282 
PHE HE1  H N N 283 
PHE HE2  H N N 284 
PHE HZ   H N N 285 
PHE HXT  H N N 286 
PRO N    N N N 287 
PRO CA   C N S 288 
PRO C    C N N 289 
PRO O    O N N 290 
PRO CB   C N N 291 
PRO CG   C N N 292 
PRO CD   C N N 293 
PRO OXT  O N N 294 
PRO H    H N N 295 
PRO HA   H N N 296 
PRO HB2  H N N 297 
PRO HB3  H N N 298 
PRO HG2  H N N 299 
PRO HG3  H N N 300 
PRO HD2  H N N 301 
PRO HD3  H N N 302 
PRO HXT  H N N 303 
SER N    N N N 304 
SER CA   C N S 305 
SER C    C N N 306 
SER O    O N N 307 
SER CB   C N N 308 
SER OG   O N N 309 
SER OXT  O N N 310 
SER H    H N N 311 
SER H2   H N N 312 
SER HA   H N N 313 
SER HB2  H N N 314 
SER HB3  H N N 315 
SER HG   H N N 316 
SER HXT  H N N 317 
THR N    N N N 318 
THR CA   C N S 319 
THR C    C N N 320 
THR O    O N N 321 
THR CB   C N R 322 
THR OG1  O N N 323 
THR CG2  C N N 324 
THR OXT  O N N 325 
THR H    H N N 326 
THR H2   H N N 327 
THR HA   H N N 328 
THR HB   H N N 329 
THR HG1  H N N 330 
THR HG21 H N N 331 
THR HG22 H N N 332 
THR HG23 H N N 333 
THR HXT  H N N 334 
TRP N    N N N 335 
TRP CA   C N S 336 
TRP C    C N N 337 
TRP O    O N N 338 
TRP CB   C N N 339 
TRP CG   C Y N 340 
TRP CD1  C Y N 341 
TRP CD2  C Y N 342 
TRP NE1  N Y N 343 
TRP CE2  C Y N 344 
TRP CE3  C Y N 345 
TRP CZ2  C Y N 346 
TRP CZ3  C Y N 347 
TRP CH2  C Y N 348 
TRP OXT  O N N 349 
TRP H    H N N 350 
TRP H2   H N N 351 
TRP HA   H N N 352 
TRP HB2  H N N 353 
TRP HB3  H N N 354 
TRP HD1  H N N 355 
TRP HE1  H N N 356 
TRP HE3  H N N 357 
TRP HZ2  H N N 358 
TRP HZ3  H N N 359 
TRP HH2  H N N 360 
TRP HXT  H N N 361 
TYR N    N N N 362 
TYR CA   C N S 363 
TYR C    C N N 364 
TYR O    O N N 365 
TYR CB   C N N 366 
TYR CG   C Y N 367 
TYR CD1  C Y N 368 
TYR CD2  C Y N 369 
TYR CE1  C Y N 370 
TYR CE2  C Y N 371 
TYR CZ   C Y N 372 
TYR OH   O N N 373 
TYR OXT  O N N 374 
TYR H    H N N 375 
TYR H2   H N N 376 
TYR HA   H N N 377 
TYR HB2  H N N 378 
TYR HB3  H N N 379 
TYR HD1  H N N 380 
TYR HD2  H N N 381 
TYR HE1  H N N 382 
TYR HE2  H N N 383 
TYR HH   H N N 384 
TYR HXT  H N N 385 
VAL N    N N N 386 
VAL CA   C N S 387 
VAL C    C N N 388 
VAL O    O N N 389 
VAL CB   C N N 390 
VAL CG1  C N N 391 
VAL CG2  C N N 392 
VAL OXT  O N N 393 
VAL H    H N N 394 
VAL H2   H N N 395 
VAL HA   H N N 396 
VAL HB   H N N 397 
VAL HG11 H N N 398 
VAL HG12 H N N 399 
VAL HG13 H N N 400 
VAL HG21 H N N 401 
VAL HG22 H N N 402 
VAL HG23 H N N 403 
VAL HXT  H N N 404 
# 
loop_
_chem_comp_bond.comp_id 
_chem_comp_bond.atom_id_1 
_chem_comp_bond.atom_id_2 
_chem_comp_bond.value_order 
_chem_comp_bond.pdbx_aromatic_flag 
_chem_comp_bond.pdbx_stereo_config 
_chem_comp_bond.pdbx_ordinal 
ALA N   CA   sing N N 1   
ALA N   H    sing N N 2   
ALA N   H2   sing N N 3   
ALA CA  C    sing N N 4   
ALA CA  CB   sing N N 5   
ALA CA  HA   sing N N 6   
ALA C   O    doub N N 7   
ALA C   OXT  sing N N 8   
ALA CB  HB1  sing N N 9   
ALA CB  HB2  sing N N 10  
ALA CB  HB3  sing N N 11  
ALA OXT HXT  sing N N 12  
ARG N   CA   sing N N 13  
ARG N   H    sing N N 14  
ARG N   H2   sing N N 15  
ARG CA  C    sing N N 16  
ARG CA  CB   sing N N 17  
ARG CA  HA   sing N N 18  
ARG C   O    doub N N 19  
ARG C   OXT  sing N N 20  
ARG CB  CG   sing N N 21  
ARG CB  HB2  sing N N 22  
ARG CB  HB3  sing N N 23  
ARG CG  CD   sing N N 24  
ARG CG  HG2  sing N N 25  
ARG CG  HG3  sing N N 26  
ARG CD  NE   sing N N 27  
ARG CD  HD2  sing N N 28  
ARG CD  HD3  sing N N 29  
ARG NE  CZ   sing N N 30  
ARG NE  HE   sing N N 31  
ARG CZ  NH1  sing N N 32  
ARG CZ  NH2  doub N N 33  
ARG NH1 HH11 sing N N 34  
ARG NH1 HH12 sing N N 35  
ARG NH2 HH21 sing N N 36  
ARG NH2 HH22 sing N N 37  
ARG OXT HXT  sing N N 38  
ASN N   CA   sing N N 39  
ASN N   H    sing N N 40  
ASN N   H2   sing N N 41  
ASN CA  C    sing N N 42  
ASN CA  CB   sing N N 43  
ASN CA  HA   sing N N 44  
ASN C   O    doub N N 45  
ASN C   OXT  sing N N 46  
ASN CB  CG   sing N N 47  
ASN CB  HB2  sing N N 48  
ASN CB  HB3  sing N N 49  
ASN CG  OD1  doub N N 50  
ASN CG  ND2  sing N N 51  
ASN ND2 HD21 sing N N 52  
ASN ND2 HD22 sing N N 53  
ASN OXT HXT  sing N N 54  
ASP N   CA   sing N N 55  
ASP N   H    sing N N 56  
ASP N   H2   sing N N 57  
ASP CA  C    sing N N 58  
ASP CA  CB   sing N N 59  
ASP CA  HA   sing N N 60  
ASP C   O    doub N N 61  
ASP C   OXT  sing N N 62  
ASP CB  CG   sing N N 63  
ASP CB  HB2  sing N N 64  
ASP CB  HB3  sing N N 65  
ASP CG  OD1  doub N N 66  
ASP CG  OD2  sing N N 67  
ASP OD2 HD2  sing N N 68  
ASP OXT HXT  sing N N 69  
CYS N   CA   sing N N 70  
CYS N   H    sing N N 71  
CYS N   H2   sing N N 72  
CYS CA  C    sing N N 73  
CYS CA  CB   sing N N 74  
CYS CA  HA   sing N N 75  
CYS C   O    doub N N 76  
CYS C   OXT  sing N N 77  
CYS CB  SG   sing N N 78  
CYS CB  HB2  sing N N 79  
CYS CB  HB3  sing N N 80  
CYS SG  HG   sing N N 81  
CYS OXT HXT  sing N N 82  
GLN N   CA   sing N N 83  
GLN N   H    sing N N 84  
GLN N   H2   sing N N 85  
GLN CA  C    sing N N 86  
GLN CA  CB   sing N N 87  
GLN CA  HA   sing N N 88  
GLN C   O    doub N N 89  
GLN C   OXT  sing N N 90  
GLN CB  CG   sing N N 91  
GLN CB  HB2  sing N N 92  
GLN CB  HB3  sing N N 93  
GLN CG  CD   sing N N 94  
GLN CG  HG2  sing N N 95  
GLN CG  HG3  sing N N 96  
GLN CD  OE1  doub N N 97  
GLN CD  NE2  sing N N 98  
GLN NE2 HE21 sing N N 99  
GLN NE2 HE22 sing N N 100 
GLN OXT HXT  sing N N 101 
GLU N   CA   sing N N 102 
GLU N   H    sing N N 103 
GLU N   H2   sing N N 104 
GLU CA  C    sing N N 105 
GLU CA  CB   sing N N 106 
GLU CA  HA   sing N N 107 
GLU C   O    doub N N 108 
GLU C   OXT  sing N N 109 
GLU CB  CG   sing N N 110 
GLU CB  HB2  sing N N 111 
GLU CB  HB3  sing N N 112 
GLU CG  CD   sing N N 113 
GLU CG  HG2  sing N N 114 
GLU CG  HG3  sing N N 115 
GLU CD  OE1  doub N N 116 
GLU CD  OE2  sing N N 117 
GLU OE2 HE2  sing N N 118 
GLU OXT HXT  sing N N 119 
GLY N   CA   sing N N 120 
GLY N   H    sing N N 121 
GLY N   H2   sing N N 122 
GLY CA  C    sing N N 123 
GLY CA  HA2  sing N N 124 
GLY CA  HA3  sing N N 125 
GLY C   O    doub N N 126 
GLY C   OXT  sing N N 127 
GLY OXT HXT  sing N N 128 
GOL C1  O1   sing N N 129 
GOL C1  C2   sing N N 130 
GOL C1  H11  sing N N 131 
GOL C1  H12  sing N N 132 
GOL O1  HO1  sing N N 133 
GOL C2  O2   sing N N 134 
GOL C2  C3   sing N N 135 
GOL C2  H2   sing N N 136 
GOL O2  HO2  sing N N 137 
GOL C3  O3   sing N N 138 
GOL C3  H31  sing N N 139 
GOL C3  H32  sing N N 140 
GOL O3  HO3  sing N N 141 
HIS N   CA   sing N N 142 
HIS N   H    sing N N 143 
HIS N   H2   sing N N 144 
HIS CA  C    sing N N 145 
HIS CA  CB   sing N N 146 
HIS CA  HA   sing N N 147 
HIS C   O    doub N N 148 
HIS C   OXT  sing N N 149 
HIS CB  CG   sing N N 150 
HIS CB  HB2  sing N N 151 
HIS CB  HB3  sing N N 152 
HIS CG  ND1  sing Y N 153 
HIS CG  CD2  doub Y N 154 
HIS ND1 CE1  doub Y N 155 
HIS ND1 HD1  sing N N 156 
HIS CD2 NE2  sing Y N 157 
HIS CD2 HD2  sing N N 158 
HIS CE1 NE2  sing Y N 159 
HIS CE1 HE1  sing N N 160 
HIS NE2 HE2  sing N N 161 
HIS OXT HXT  sing N N 162 
HOH O   H1   sing N N 163 
HOH O   H2   sing N N 164 
ILE N   CA   sing N N 165 
ILE N   H    sing N N 166 
ILE N   H2   sing N N 167 
ILE CA  C    sing N N 168 
ILE CA  CB   sing N N 169 
ILE CA  HA   sing N N 170 
ILE C   O    doub N N 171 
ILE C   OXT  sing N N 172 
ILE CB  CG1  sing N N 173 
ILE CB  CG2  sing N N 174 
ILE CB  HB   sing N N 175 
ILE CG1 CD1  sing N N 176 
ILE CG1 HG12 sing N N 177 
ILE CG1 HG13 sing N N 178 
ILE CG2 HG21 sing N N 179 
ILE CG2 HG22 sing N N 180 
ILE CG2 HG23 sing N N 181 
ILE CD1 HD11 sing N N 182 
ILE CD1 HD12 sing N N 183 
ILE CD1 HD13 sing N N 184 
ILE OXT HXT  sing N N 185 
LEU N   CA   sing N N 186 
LEU N   H    sing N N 187 
LEU N   H2   sing N N 188 
LEU CA  C    sing N N 189 
LEU CA  CB   sing N N 190 
LEU CA  HA   sing N N 191 
LEU C   O    doub N N 192 
LEU C   OXT  sing N N 193 
LEU CB  CG   sing N N 194 
LEU CB  HB2  sing N N 195 
LEU CB  HB3  sing N N 196 
LEU CG  CD1  sing N N 197 
LEU CG  CD2  sing N N 198 
LEU CG  HG   sing N N 199 
LEU CD1 HD11 sing N N 200 
LEU CD1 HD12 sing N N 201 
LEU CD1 HD13 sing N N 202 
LEU CD2 HD21 sing N N 203 
LEU CD2 HD22 sing N N 204 
LEU CD2 HD23 sing N N 205 
LEU OXT HXT  sing N N 206 
LYS N   CA   sing N N 207 
LYS N   H    sing N N 208 
LYS N   H2   sing N N 209 
LYS CA  C    sing N N 210 
LYS CA  CB   sing N N 211 
LYS CA  HA   sing N N 212 
LYS C   O    doub N N 213 
LYS C   OXT  sing N N 214 
LYS CB  CG   sing N N 215 
LYS CB  HB2  sing N N 216 
LYS CB  HB3  sing N N 217 
LYS CG  CD   sing N N 218 
LYS CG  HG2  sing N N 219 
LYS CG  HG3  sing N N 220 
LYS CD  CE   sing N N 221 
LYS CD  HD2  sing N N 222 
LYS CD  HD3  sing N N 223 
LYS CE  NZ   sing N N 224 
LYS CE  HE2  sing N N 225 
LYS CE  HE3  sing N N 226 
LYS NZ  HZ1  sing N N 227 
LYS NZ  HZ2  sing N N 228 
LYS NZ  HZ3  sing N N 229 
LYS OXT HXT  sing N N 230 
MET N   CA   sing N N 231 
MET N   H    sing N N 232 
MET N   H2   sing N N 233 
MET CA  C    sing N N 234 
MET CA  CB   sing N N 235 
MET CA  HA   sing N N 236 
MET C   O    doub N N 237 
MET C   OXT  sing N N 238 
MET CB  CG   sing N N 239 
MET CB  HB2  sing N N 240 
MET CB  HB3  sing N N 241 
MET CG  SD   sing N N 242 
MET CG  HG2  sing N N 243 
MET CG  HG3  sing N N 244 
MET SD  CE   sing N N 245 
MET CE  HE1  sing N N 246 
MET CE  HE2  sing N N 247 
MET CE  HE3  sing N N 248 
MET OXT HXT  sing N N 249 
PHE N   CA   sing N N 250 
PHE N   H    sing N N 251 
PHE N   H2   sing N N 252 
PHE CA  C    sing N N 253 
PHE CA  CB   sing N N 254 
PHE CA  HA   sing N N 255 
PHE C   O    doub N N 256 
PHE C   OXT  sing N N 257 
PHE CB  CG   sing N N 258 
PHE CB  HB2  sing N N 259 
PHE CB  HB3  sing N N 260 
PHE CG  CD1  doub Y N 261 
PHE CG  CD2  sing Y N 262 
PHE CD1 CE1  sing Y N 263 
PHE CD1 HD1  sing N N 264 
PHE CD2 CE2  doub Y N 265 
PHE CD2 HD2  sing N N 266 
PHE CE1 CZ   doub Y N 267 
PHE CE1 HE1  sing N N 268 
PHE CE2 CZ   sing Y N 269 
PHE CE2 HE2  sing N N 270 
PHE CZ  HZ   sing N N 271 
PHE OXT HXT  sing N N 272 
PRO N   CA   sing N N 273 
PRO N   CD   sing N N 274 
PRO N   H    sing N N 275 
PRO CA  C    sing N N 276 
PRO CA  CB   sing N N 277 
PRO CA  HA   sing N N 278 
PRO C   O    doub N N 279 
PRO C   OXT  sing N N 280 
PRO CB  CG   sing N N 281 
PRO CB  HB2  sing N N 282 
PRO CB  HB3  sing N N 283 
PRO CG  CD   sing N N 284 
PRO CG  HG2  sing N N 285 
PRO CG  HG3  sing N N 286 
PRO CD  HD2  sing N N 287 
PRO CD  HD3  sing N N 288 
PRO OXT HXT  sing N N 289 
SER N   CA   sing N N 290 
SER N   H    sing N N 291 
SER N   H2   sing N N 292 
SER CA  C    sing N N 293 
SER CA  CB   sing N N 294 
SER CA  HA   sing N N 295 
SER C   O    doub N N 296 
SER C   OXT  sing N N 297 
SER CB  OG   sing N N 298 
SER CB  HB2  sing N N 299 
SER CB  HB3  sing N N 300 
SER OG  HG   sing N N 301 
SER OXT HXT  sing N N 302 
THR N   CA   sing N N 303 
THR N   H    sing N N 304 
THR N   H2   sing N N 305 
THR CA  C    sing N N 306 
THR CA  CB   sing N N 307 
THR CA  HA   sing N N 308 
THR C   O    doub N N 309 
THR C   OXT  sing N N 310 
THR CB  OG1  sing N N 311 
THR CB  CG2  sing N N 312 
THR CB  HB   sing N N 313 
THR OG1 HG1  sing N N 314 
THR CG2 HG21 sing N N 315 
THR CG2 HG22 sing N N 316 
THR CG2 HG23 sing N N 317 
THR OXT HXT  sing N N 318 
TRP N   CA   sing N N 319 
TRP N   H    sing N N 320 
TRP N   H2   sing N N 321 
TRP CA  C    sing N N 322 
TRP CA  CB   sing N N 323 
TRP CA  HA   sing N N 324 
TRP C   O    doub N N 325 
TRP C   OXT  sing N N 326 
TRP CB  CG   sing N N 327 
TRP CB  HB2  sing N N 328 
TRP CB  HB3  sing N N 329 
TRP CG  CD1  doub Y N 330 
TRP CG  CD2  sing Y N 331 
TRP CD1 NE1  sing Y N 332 
TRP CD1 HD1  sing N N 333 
TRP CD2 CE2  doub Y N 334 
TRP CD2 CE3  sing Y N 335 
TRP NE1 CE2  sing Y N 336 
TRP NE1 HE1  sing N N 337 
TRP CE2 CZ2  sing Y N 338 
TRP CE3 CZ3  doub Y N 339 
TRP CE3 HE3  sing N N 340 
TRP CZ2 CH2  doub Y N 341 
TRP CZ2 HZ2  sing N N 342 
TRP CZ3 CH2  sing Y N 343 
TRP CZ3 HZ3  sing N N 344 
TRP CH2 HH2  sing N N 345 
TRP OXT HXT  sing N N 346 
TYR N   CA   sing N N 347 
TYR N   H    sing N N 348 
TYR N   H2   sing N N 349 
TYR CA  C    sing N N 350 
TYR CA  CB   sing N N 351 
TYR CA  HA   sing N N 352 
TYR C   O    doub N N 353 
TYR C   OXT  sing N N 354 
TYR CB  CG   sing N N 355 
TYR CB  HB2  sing N N 356 
TYR CB  HB3  sing N N 357 
TYR CG  CD1  doub Y N 358 
TYR CG  CD2  sing Y N 359 
TYR CD1 CE1  sing Y N 360 
TYR CD1 HD1  sing N N 361 
TYR CD2 CE2  doub Y N 362 
TYR CD2 HD2  sing N N 363 
TYR CE1 CZ   doub Y N 364 
TYR CE1 HE1  sing N N 365 
TYR CE2 CZ   sing Y N 366 
TYR CE2 HE2  sing N N 367 
TYR CZ  OH   sing N N 368 
TYR OH  HH   sing N N 369 
TYR OXT HXT  sing N N 370 
VAL N   CA   sing N N 371 
VAL N   H    sing N N 372 
VAL N   H2   sing N N 373 
VAL CA  C    sing N N 374 
VAL CA  CB   sing N N 375 
VAL CA  HA   sing N N 376 
VAL C   O    doub N N 377 
VAL C   OXT  sing N N 378 
VAL CB  CG1  sing N N 379 
VAL CB  CG2  sing N N 380 
VAL CB  HB   sing N N 381 
VAL CG1 HG11 sing N N 382 
VAL CG1 HG12 sing N N 383 
VAL CG1 HG13 sing N N 384 
VAL CG2 HG21 sing N N 385 
VAL CG2 HG22 sing N N 386 
VAL CG2 HG23 sing N N 387 
VAL OXT HXT  sing N N 388 
# 
loop_
_pdbx_entity_nonpoly.entity_id 
_pdbx_entity_nonpoly.name 
_pdbx_entity_nonpoly.comp_id 
2 GLYCEROL GOL 
3 water    HOH 
# 
_pdbx_initial_refinement_model.id               1 
_pdbx_initial_refinement_model.entity_id_list   ? 
_pdbx_initial_refinement_model.type             'experimental model' 
_pdbx_initial_refinement_model.source_name      PDB 
_pdbx_initial_refinement_model.accession_code   1IO6 
_pdbx_initial_refinement_model.details          'PDB ENTRY 1IO6' 
# 
